data_7C2V
#
_entry.id   7C2V
#
_cell.length_a   142.759
_cell.length_b   138.589
_cell.length_c   87.359
_cell.angle_alpha   90.000
_cell.angle_beta   124.500
_cell.angle_gamma   90.000
#
_symmetry.space_group_name_H-M   'C 1 2 1'
#
loop_
_entity.id
_entity.type
_entity.pdbx_description
1 polymer 'Interleukin-1 receptor-associated kinase 4'
2 non-polymer 2-(2-methylpyridin-4-yl)-N-[2-morpholin-4-yl-5-[(3R)-3-oxidanylpyrrolidin-1-yl]-[1,3]oxazolo[4,5-b]pyridin-6-yl]-1,3-oxazole-4-carboxamide
3 water water
#
_entity_poly.entity_id   1
_entity_poly.type   'polypeptide(L)'
_entity_poly.pdbx_seq_one_letter_code
;SDTRFHSFSFYELKNVTNNFDERPISVGGNKMGEGGFGVVYKGYVNNTTVAVKKLAAMVDITTEELKQQFDQEIKVMAKC
QHENLVELLGFSSDGDDLCLVYVYMPNGSLLDRLSCLDGTPPLSWHMRCKIAQGAANGINFLHENHHIHRDIKSANILLD
EAFTAKISDFGLARASEKFAQ(TPO)VM(TPO)(SEP)RIVGTTAYMAPEALRGEITPKSDIYSFGVVLLEIITGLPAVD
EHREPQLLLDIKEEIEDEEKTIEDYIDKKMNDADSTSVEAMYSVASQCLHEKKNKRPDIKKVQQLLQEMTAS
;
_entity_poly.pdbx_strand_id   A,B,C,D
#
loop_
_chem_comp.id
_chem_comp.type
_chem_comp.name
_chem_comp.formula
FJ0 non-polymer 2-(2-methylpyridin-4-yl)-N-[2-morpholin-4-yl-5-[(3R)-3-oxidanylpyrrolidin-1-yl]-[1,3]oxazolo[4,5-b]pyridin-6-yl]-1,3-oxazole-4-carboxamide 'C24 H25 N7 O5'
#
# COMPACT_ATOMS: atom_id res chain seq x y z
N THR A 3 14.76 -6.09 -45.20
CA THR A 3 14.55 -4.83 -44.40
C THR A 3 15.84 -4.10 -44.12
N ARG A 4 15.80 -2.78 -44.21
CA ARG A 4 16.94 -1.92 -43.87
C ARG A 4 16.62 -0.89 -42.76
N PHE A 5 17.63 -0.62 -41.94
CA PHE A 5 17.51 -0.01 -40.61
C PHE A 5 18.19 1.34 -40.64
N HIS A 6 17.82 2.23 -39.72
CA HIS A 6 18.47 3.55 -39.58
C HIS A 6 19.92 3.38 -39.11
N SER A 7 20.84 4.08 -39.75
CA SER A 7 22.24 4.11 -39.36
C SER A 7 22.49 5.25 -38.38
N PHE A 8 22.86 4.93 -37.15
CA PHE A 8 23.23 5.91 -36.11
C PHE A 8 24.74 6.11 -36.02
N SER A 9 25.15 7.32 -35.68
CA SER A 9 26.55 7.54 -35.32
C SER A 9 26.69 7.22 -33.85
N PHE A 10 27.88 6.73 -33.49
CA PHE A 10 28.22 6.40 -32.11
C PHE A 10 28.00 7.54 -31.14
N TYR A 11 28.26 8.77 -31.61
CA TYR A 11 28.28 9.92 -30.72
C TYR A 11 26.86 10.35 -30.38
N GLU A 12 25.90 10.07 -31.25
CA GLU A 12 24.48 10.28 -30.89
C GLU A 12 24.07 9.34 -29.78
N LEU A 13 24.46 8.07 -29.89
CA LEU A 13 24.11 7.04 -28.91
C LEU A 13 24.83 7.29 -27.58
N LYS A 14 26.09 7.71 -27.64
CA LYS A 14 26.86 8.13 -26.46
C LYS A 14 26.16 9.28 -25.75
N ASN A 15 25.79 10.29 -26.52
CA ASN A 15 25.05 11.43 -25.97
C ASN A 15 23.78 10.99 -25.25
N VAL A 16 22.94 10.22 -25.94
CA VAL A 16 21.60 9.85 -25.42
C VAL A 16 21.57 8.77 -24.33
N THR A 17 22.66 8.05 -24.14
CA THR A 17 22.85 7.15 -22.99
C THR A 17 23.70 7.75 -21.86
N ASN A 18 23.90 9.09 -21.85
CA ASN A 18 24.74 9.78 -20.86
C ASN A 18 26.16 9.20 -20.77
N ASN A 19 26.81 9.12 -21.93
CA ASN A 19 28.14 8.55 -22.08
C ASN A 19 28.22 7.08 -21.61
N PHE A 20 27.17 6.32 -21.93
CA PHE A 20 27.04 4.90 -21.55
C PHE A 20 27.26 4.67 -20.05
N ASP A 21 26.48 5.40 -19.26
CA ASP A 21 26.53 5.37 -17.79
C ASP A 21 26.17 3.95 -17.29
N GLU A 22 27.17 3.25 -16.75
CA GLU A 22 27.01 1.84 -16.34
C GLU A 22 26.37 1.63 -14.96
N ARG A 23 25.86 2.69 -14.31
CA ARG A 23 25.15 2.56 -13.04
C ARG A 23 23.70 2.18 -13.35
N PRO A 24 23.01 1.44 -12.44
CA PRO A 24 21.63 1.10 -12.71
C PRO A 24 20.69 2.30 -12.77
N ILE A 25 19.60 2.12 -13.51
CA ILE A 25 18.60 3.15 -13.74
C ILE A 25 17.94 3.58 -12.43
N SER A 26 17.81 2.62 -11.50
CA SER A 26 17.26 2.87 -10.15
C SER A 26 18.06 3.92 -9.36
N VAL A 27 19.39 3.89 -9.46
CA VAL A 27 20.25 4.89 -8.79
C VAL A 27 20.71 6.02 -9.75
N GLY A 28 19.87 6.37 -10.74
CA GLY A 28 20.16 7.47 -11.68
C GLY A 28 21.06 7.21 -12.89
N GLY A 29 21.49 5.96 -13.10
CA GLY A 29 22.34 5.60 -14.25
C GLY A 29 21.55 5.26 -15.52
N ASN A 30 22.22 4.58 -16.46
CA ASN A 30 21.60 4.21 -17.75
C ASN A 30 21.57 2.71 -18.09
N LYS A 31 22.29 1.90 -17.31
CA LYS A 31 22.36 0.46 -17.56
C LYS A 31 21.07 -0.20 -17.12
N MET A 32 20.49 -1.00 -18.01
CA MET A 32 19.27 -1.77 -17.72
C MET A 32 19.55 -3.25 -17.48
N GLY A 33 20.61 -3.75 -18.12
CA GLY A 33 21.04 -5.13 -17.93
C GLY A 33 22.27 -5.47 -18.71
N GLU A 34 22.86 -6.63 -18.39
CA GLU A 34 23.94 -7.22 -19.17
C GLU A 34 23.23 -8.23 -20.06
N GLY A 35 23.57 -8.26 -21.34
CA GLY A 35 22.90 -9.09 -22.33
C GLY A 35 23.82 -10.11 -22.94
N GLY A 36 23.40 -10.66 -24.08
CA GLY A 36 24.21 -11.56 -24.87
C GLY A 36 25.39 -10.82 -25.44
N PHE A 37 26.53 -10.93 -24.77
CA PHE A 37 27.81 -10.43 -25.28
C PHE A 37 27.79 -8.89 -25.41
N GLY A 38 27.38 -8.21 -24.34
CA GLY A 38 27.17 -6.76 -24.37
C GLY A 38 26.32 -6.27 -23.22
N VAL A 39 26.35 -4.96 -22.98
CA VAL A 39 25.53 -4.31 -21.95
C VAL A 39 24.37 -3.55 -22.64
N VAL A 40 23.23 -3.42 -21.97
CA VAL A 40 22.04 -2.77 -22.54
C VAL A 40 21.73 -1.53 -21.74
N TYR A 41 21.79 -0.38 -22.41
CA TYR A 41 21.49 0.93 -21.79
C TYR A 41 20.17 1.52 -22.27
N LYS A 42 19.60 2.38 -21.45
CA LYS A 42 18.42 3.13 -21.82
C LYS A 42 18.86 4.38 -22.55
N GLY A 43 18.05 4.81 -23.53
CA GLY A 43 18.37 5.96 -24.36
C GLY A 43 17.15 6.70 -24.81
N TYR A 44 17.31 7.99 -25.11
CA TYR A 44 16.24 8.83 -25.67
C TYR A 44 16.69 9.43 -27.02
N VAL A 45 16.13 8.90 -28.11
CA VAL A 45 16.33 9.43 -29.46
C VAL A 45 15.01 10.03 -29.97
N ASN A 46 15.05 11.32 -30.31
CA ASN A 46 13.84 12.09 -30.71
C ASN A 46 12.89 12.14 -29.50
N ASN A 47 11.64 11.71 -29.62
CA ASN A 47 10.73 11.55 -28.47
C ASN A 47 10.59 10.07 -28.05
N THR A 48 11.47 9.21 -28.55
CA THR A 48 11.37 7.76 -28.39
C THR A 48 12.37 7.24 -27.34
N THR A 49 11.89 6.62 -26.28
CA THR A 49 12.78 5.81 -25.44
C THR A 49 13.25 4.60 -26.23
N VAL A 50 14.52 4.25 -26.11
CA VAL A 50 15.11 3.13 -26.84
C VAL A 50 16.06 2.37 -25.95
N ALA A 51 16.43 1.18 -26.42
CA ALA A 51 17.38 0.34 -25.75
C ALA A 51 18.60 0.26 -26.63
N VAL A 52 19.78 0.54 -26.07
CA VAL A 52 21.02 0.53 -26.83
C VAL A 52 21.92 -0.57 -26.26
N LYS A 53 22.26 -1.55 -27.11
CA LYS A 53 23.17 -2.61 -26.73
C LYS A 53 24.56 -2.30 -27.29
N LYS A 54 25.51 -2.03 -26.39
CA LYS A 54 26.94 -1.89 -26.74
C LYS A 54 27.67 -3.23 -26.49
N LEU A 55 28.26 -3.79 -27.55
CA LEU A 55 28.88 -5.13 -27.48
C LEU A 55 30.26 -5.12 -26.81
N ALA A 56 30.61 -6.23 -26.13
CA ALA A 56 31.83 -6.30 -25.29
C ALA A 56 32.20 -7.74 -24.89
CA ILE A 61 34.63 -13.85 -27.05
C ILE A 61 35.90 -13.12 -27.50
N THR A 62 35.87 -12.57 -28.71
CA THR A 62 36.98 -11.78 -29.30
C THR A 62 36.42 -10.75 -30.30
N THR A 63 37.28 -9.91 -30.88
CA THR A 63 36.84 -8.89 -31.88
C THR A 63 36.35 -9.51 -33.21
N GLU A 64 36.86 -10.68 -33.58
CA GLU A 64 36.38 -11.40 -34.78
C GLU A 64 34.98 -11.98 -34.57
N GLU A 65 34.76 -12.59 -33.40
CA GLU A 65 33.49 -13.26 -33.05
C GLU A 65 32.35 -12.27 -32.72
N LEU A 66 32.66 -11.20 -31.99
CA LEU A 66 31.68 -10.19 -31.59
C LEU A 66 31.15 -9.44 -32.83
N LYS A 67 32.06 -9.01 -33.68
CA LYS A 67 31.74 -8.40 -34.97
C LYS A 67 30.98 -9.36 -35.90
N GLN A 68 31.16 -10.68 -35.71
CA GLN A 68 30.39 -11.69 -36.45
C GLN A 68 28.96 -11.86 -35.91
N GLN A 69 28.79 -11.82 -34.59
CA GLN A 69 27.44 -11.82 -33.96
C GLN A 69 26.71 -10.48 -34.02
N PHE A 70 27.42 -9.42 -34.43
CA PHE A 70 26.81 -8.15 -34.80
C PHE A 70 26.03 -8.31 -36.10
N ASP A 71 26.70 -8.81 -37.13
CA ASP A 71 26.10 -8.95 -38.46
C ASP A 71 25.02 -10.02 -38.48
N GLN A 72 25.23 -11.08 -37.69
CA GLN A 72 24.25 -12.16 -37.53
C GLN A 72 22.91 -11.61 -37.03
N GLU A 73 22.99 -10.86 -35.93
CA GLU A 73 21.82 -10.18 -35.34
C GLU A 73 21.09 -9.28 -36.31
N ILE A 74 21.83 -8.43 -37.02
CA ILE A 74 21.22 -7.52 -38.01
C ILE A 74 20.56 -8.35 -39.12
N LYS A 75 21.27 -9.38 -39.60
CA LYS A 75 20.76 -10.21 -40.69
C LYS A 75 19.48 -10.96 -40.29
N VAL A 76 19.50 -11.56 -39.10
CA VAL A 76 18.33 -12.29 -38.59
C VAL A 76 17.16 -11.34 -38.35
N MET A 77 17.43 -10.19 -37.76
CA MET A 77 16.37 -9.18 -37.49
C MET A 77 15.82 -8.53 -38.76
N ALA A 78 16.66 -8.44 -39.79
CA ALA A 78 16.21 -7.98 -41.10
C ALA A 78 15.20 -8.95 -41.67
N LYS A 79 15.49 -10.24 -41.52
CA LYS A 79 14.61 -11.30 -42.03
C LYS A 79 13.37 -11.48 -41.12
N CYS A 80 13.57 -11.45 -39.81
CA CYS A 80 12.55 -11.89 -38.85
C CYS A 80 11.84 -10.75 -38.13
N GLN A 81 10.66 -10.38 -38.62
CA GLN A 81 9.83 -9.34 -37.98
C GLN A 81 8.47 -9.92 -37.61
N HIS A 82 8.14 -9.85 -36.33
CA HIS A 82 6.90 -10.44 -35.82
C HIS A 82 6.57 -9.72 -34.52
N GLU A 83 5.30 -9.67 -34.15
CA GLU A 83 4.91 -8.94 -32.95
C GLU A 83 5.44 -9.52 -31.64
N ASN A 84 5.83 -10.79 -31.65
CA ASN A 84 6.45 -11.41 -30.50
C ASN A 84 7.97 -11.53 -30.62
N LEU A 85 8.59 -10.66 -31.42
CA LEU A 85 10.06 -10.53 -31.47
C LEU A 85 10.41 -9.06 -31.28
N VAL A 86 11.47 -8.79 -30.53
CA VAL A 86 11.92 -7.40 -30.32
C VAL A 86 12.28 -6.82 -31.65
N GLU A 87 11.93 -5.55 -31.86
CA GLU A 87 12.25 -4.85 -33.08
C GLU A 87 13.59 -4.15 -32.99
N LEU A 88 14.40 -4.33 -34.03
CA LEU A 88 15.63 -3.58 -34.20
C LEU A 88 15.26 -2.28 -34.91
N LEU A 89 15.68 -1.17 -34.34
CA LEU A 89 15.54 0.14 -34.96
C LEU A 89 16.81 0.45 -35.78
N GLY A 90 17.97 0.13 -35.24
CA GLY A 90 19.18 0.44 -35.95
C GLY A 90 20.44 -0.05 -35.32
N PHE A 91 21.54 0.45 -35.87
CA PHE A 91 22.87 0.06 -35.47
C PHE A 91 23.84 1.23 -35.61
N SER A 92 25.07 1.00 -35.18
CA SER A 92 26.18 1.93 -35.34
C SER A 92 27.47 1.13 -35.46
N SER A 93 28.14 1.23 -36.61
CA SER A 93 29.45 0.58 -36.86
C SER A 93 30.66 1.54 -36.70
N ASP A 94 30.42 2.84 -36.70
CA ASP A 94 31.47 3.84 -36.92
C ASP A 94 32.38 4.16 -35.73
N GLY A 95 31.83 4.18 -34.53
CA GLY A 95 32.59 4.57 -33.32
C GLY A 95 33.58 3.52 -32.86
N ASP A 96 33.95 3.63 -31.58
CA ASP A 96 34.85 2.66 -30.95
C ASP A 96 34.19 1.28 -30.85
N ASP A 97 33.01 1.24 -30.22
CA ASP A 97 32.24 0.01 -30.00
C ASP A 97 31.09 -0.14 -31.01
N LEU A 98 30.61 -1.37 -31.16
CA LEU A 98 29.48 -1.69 -32.03
C LEU A 98 28.18 -1.64 -31.23
N CYS A 99 27.19 -0.86 -31.71
CA CYS A 99 25.92 -0.68 -31.00
C CYS A 99 24.71 -1.19 -31.79
N LEU A 100 23.77 -1.82 -31.09
CA LEU A 100 22.47 -2.20 -31.66
C LEU A 100 21.38 -1.44 -30.90
N VAL A 101 20.40 -0.90 -31.63
CA VAL A 101 19.36 -0.06 -31.04
C VAL A 101 17.99 -0.68 -31.26
N TYR A 102 17.24 -0.83 -30.16
CA TYR A 102 15.98 -1.54 -30.16
C TYR A 102 14.86 -0.71 -29.60
N VAL A 103 13.65 -1.11 -29.95
CA VAL A 103 12.46 -0.55 -29.34
C VAL A 103 12.53 -0.87 -27.84
N TYR A 104 12.26 0.13 -27.01
CA TYR A 104 12.32 -0.01 -25.56
C TYR A 104 11.19 -0.88 -25.03
N MET A 105 11.53 -1.79 -24.12
CA MET A 105 10.59 -2.74 -23.54
C MET A 105 10.42 -2.31 -22.10
N PRO A 106 9.38 -1.51 -21.81
CA PRO A 106 9.26 -0.92 -20.49
C PRO A 106 9.09 -1.83 -19.31
N ASN A 107 8.71 -3.10 -19.54
CA ASN A 107 8.60 -4.07 -18.44
C ASN A 107 9.76 -5.06 -18.34
N GLY A 108 10.85 -4.80 -19.07
CA GLY A 108 12.08 -5.57 -18.93
C GLY A 108 11.92 -7.02 -19.32
N SER A 109 12.65 -7.90 -18.63
CA SER A 109 12.67 -9.31 -18.95
C SER A 109 11.67 -10.05 -18.09
N LEU A 110 11.18 -11.18 -18.60
CA LEU A 110 10.34 -12.10 -17.84
C LEU A 110 11.04 -12.62 -16.57
N LEU A 111 12.35 -12.86 -16.66
CA LEU A 111 13.10 -13.35 -15.50
C LEU A 111 12.92 -12.37 -14.40
N ASP A 112 13.24 -11.10 -14.69
CA ASP A 112 13.19 -10.04 -13.67
C ASP A 112 11.78 -9.83 -13.10
N ARG A 113 10.74 -9.99 -13.91
CA ARG A 113 9.37 -9.83 -13.42
C ARG A 113 8.92 -11.07 -12.65
N LEU A 114 9.45 -12.22 -13.01
CA LEU A 114 9.16 -13.43 -12.24
C LEU A 114 9.75 -13.33 -10.82
N SER A 115 10.91 -12.67 -10.71
CA SER A 115 11.55 -12.48 -9.41
C SER A 115 11.16 -11.17 -8.73
N CYS A 116 10.29 -10.37 -9.35
CA CYS A 116 9.80 -9.08 -8.81
C CYS A 116 10.94 -8.14 -8.49
N LEU A 117 11.95 -8.12 -9.37
CA LEU A 117 13.16 -7.32 -9.19
C LEU A 117 12.80 -5.84 -9.19
N ASP A 118 13.50 -5.06 -8.36
CA ASP A 118 13.26 -3.61 -8.21
C ASP A 118 11.84 -3.26 -7.76
N GLY A 119 11.18 -4.17 -7.07
CA GLY A 119 9.89 -3.89 -6.44
C GLY A 119 8.66 -3.96 -7.31
N THR A 120 8.77 -4.58 -8.48
CA THR A 120 7.61 -4.66 -9.38
C THR A 120 6.67 -5.75 -8.84
N PRO A 121 5.36 -5.62 -9.08
CA PRO A 121 4.45 -6.61 -8.50
C PRO A 121 4.43 -7.89 -9.28
N PRO A 122 4.06 -9.00 -8.62
CA PRO A 122 4.04 -10.31 -9.27
C PRO A 122 3.08 -10.38 -10.44
N LEU A 123 3.49 -11.09 -11.46
CA LEU A 123 2.61 -11.35 -12.62
C LEU A 123 1.47 -12.24 -12.23
N SER A 124 0.26 -11.86 -12.62
CA SER A 124 -0.92 -12.71 -12.43
C SER A 124 -0.78 -13.91 -13.32
N TRP A 125 -1.51 -14.96 -12.99
CA TRP A 125 -1.64 -16.12 -13.87
C TRP A 125 -2.17 -15.75 -15.25
N HIS A 126 -3.11 -14.82 -15.30
CA HIS A 126 -3.65 -14.34 -16.56
C HIS A 126 -2.59 -13.73 -17.48
N MET A 127 -1.74 -12.83 -16.95
CA MET A 127 -0.62 -12.30 -17.74
CA MET A 127 -0.63 -12.30 -17.74
C MET A 127 0.34 -13.43 -18.14
N ARG A 128 0.63 -14.32 -17.20
CA ARG A 128 1.55 -15.43 -17.44
C ARG A 128 1.10 -16.29 -18.62
N CYS A 129 -0.20 -16.55 -18.72
CA CYS A 129 -0.73 -17.31 -19.84
C CYS A 129 -0.54 -16.57 -21.14
N LYS A 130 -0.78 -15.26 -21.13
CA LYS A 130 -0.58 -14.46 -22.34
C LYS A 130 0.90 -14.45 -22.76
N ILE A 131 1.80 -14.36 -21.78
CA ILE A 131 3.22 -14.31 -22.05
C ILE A 131 3.72 -15.64 -22.66
N ALA A 132 3.21 -16.74 -22.12
CA ALA A 132 3.52 -18.07 -22.64
C ALA A 132 3.07 -18.24 -24.09
N GLN A 133 1.82 -17.86 -24.37
CA GLN A 133 1.28 -17.95 -25.73
C GLN A 133 2.08 -17.08 -26.68
N GLY A 134 2.38 -15.87 -26.24
CA GLY A 134 3.17 -14.94 -27.02
C GLY A 134 4.57 -15.39 -27.34
N ALA A 135 5.28 -15.91 -26.33
CA ALA A 135 6.64 -16.41 -26.54
C ALA A 135 6.65 -17.56 -27.56
N ALA A 136 5.63 -18.42 -27.50
CA ALA A 136 5.50 -19.55 -28.41
C ALA A 136 5.18 -19.11 -29.83
N ASN A 137 4.38 -18.05 -29.98
CA ASN A 137 4.12 -17.50 -31.32
C ASN A 137 5.44 -16.98 -31.90
N GLY A 138 6.30 -16.38 -31.06
CA GLY A 138 7.60 -15.89 -31.49
C GLY A 138 8.52 -17.01 -31.94
N ILE A 139 8.63 -18.06 -31.13
CA ILE A 139 9.46 -19.21 -31.48
C ILE A 139 8.92 -19.86 -32.75
N ASN A 140 7.60 -20.02 -32.85
CA ASN A 140 6.98 -20.56 -34.06
C ASN A 140 7.33 -19.80 -35.32
N PHE A 141 7.30 -18.47 -35.25
CA PHE A 141 7.73 -17.66 -36.37
C PHE A 141 9.19 -17.89 -36.75
N LEU A 142 10.06 -18.04 -35.76
CA LEU A 142 11.47 -18.30 -36.03
C LEU A 142 11.67 -19.66 -36.74
N HIS A 143 10.99 -20.70 -36.25
CA HIS A 143 11.12 -22.05 -36.79
C HIS A 143 10.49 -22.17 -38.18
N GLU A 144 9.27 -21.65 -38.37
CA GLU A 144 8.67 -21.53 -39.71
C GLU A 144 9.61 -20.87 -40.73
N ASN A 145 10.39 -19.88 -40.29
CA ASN A 145 11.38 -19.22 -41.14
C ASN A 145 12.78 -19.82 -41.02
N HIS A 146 12.84 -21.07 -40.56
CA HIS A 146 14.08 -21.85 -40.55
C HIS A 146 15.22 -21.19 -39.79
N HIS A 147 14.89 -20.61 -38.62
CA HIS A 147 15.87 -20.05 -37.70
C HIS A 147 15.79 -20.79 -36.36
N ILE A 148 16.94 -21.02 -35.75
CA ILE A 148 17.05 -21.64 -34.44
C ILE A 148 17.60 -20.55 -33.53
N HIS A 149 16.97 -20.34 -32.39
CA HIS A 149 17.38 -19.27 -31.48
C HIS A 149 18.67 -19.64 -30.75
N ARG A 150 18.69 -20.81 -30.11
CA ARG A 150 19.84 -21.35 -29.32
C ARG A 150 20.09 -20.77 -27.92
N ASP A 151 19.24 -19.84 -27.47
CA ASP A 151 19.37 -19.25 -26.13
C ASP A 151 17.98 -18.76 -25.62
N ILE A 152 16.97 -19.61 -25.80
CA ILE A 152 15.65 -19.40 -25.24
C ILE A 152 15.74 -19.52 -23.71
N LYS A 153 15.32 -18.47 -23.04
CA LYS A 153 15.30 -18.38 -21.59
C LYS A 153 14.53 -17.14 -21.18
N SER A 154 14.16 -17.09 -19.91
CA SER A 154 13.34 -16.00 -19.42
C SER A 154 14.05 -14.65 -19.51
N ALA A 155 15.37 -14.60 -19.41
CA ALA A 155 16.12 -13.33 -19.57
C ALA A 155 16.03 -12.78 -21.01
N ASN A 156 15.71 -13.63 -21.98
CA ASN A 156 15.54 -13.24 -23.38
C ASN A 156 14.09 -13.18 -23.86
N ILE A 157 13.14 -13.15 -22.93
CA ILE A 157 11.75 -12.87 -23.28
C ILE A 157 11.44 -11.53 -22.65
N LEU A 158 11.35 -10.48 -23.48
CA LEU A 158 11.13 -9.14 -22.98
C LEU A 158 9.64 -8.82 -23.00
N LEU A 159 9.28 -7.85 -22.19
CA LEU A 159 7.89 -7.51 -21.97
C LEU A 159 7.65 -6.03 -22.27
N ASP A 160 6.70 -5.75 -23.15
CA ASP A 160 6.43 -4.37 -23.57
C ASP A 160 5.43 -3.72 -22.65
N GLU A 161 5.01 -2.52 -23.01
CA GLU A 161 4.01 -1.74 -22.28
C GLU A 161 2.73 -2.53 -21.94
N ALA A 162 2.34 -3.49 -22.78
CA ALA A 162 1.14 -4.31 -22.52
C ALA A 162 1.43 -5.72 -22.05
N PHE A 163 2.66 -5.98 -21.62
CA PHE A 163 3.14 -7.32 -21.24
C PHE A 163 3.03 -8.33 -22.38
N THR A 164 3.19 -7.85 -23.61
CA THR A 164 3.35 -8.73 -24.75
C THR A 164 4.79 -9.30 -24.74
N ALA A 165 4.89 -10.62 -24.89
CA ALA A 165 6.19 -11.29 -24.89
C ALA A 165 6.93 -11.01 -26.18
N LYS A 166 8.21 -10.67 -26.06
CA LYS A 166 9.06 -10.40 -27.20
C LYS A 166 10.36 -11.19 -27.06
N ILE A 167 10.58 -12.16 -27.93
CA ILE A 167 11.84 -12.89 -27.93
C ILE A 167 12.94 -11.90 -28.38
N SER A 168 14.09 -11.95 -27.74
CA SER A 168 15.22 -11.09 -28.02
C SER A 168 16.50 -11.91 -28.05
N ASP A 169 17.60 -11.23 -28.39
CA ASP A 169 18.94 -11.78 -28.54
C ASP A 169 19.04 -12.92 -29.57
N PHE A 170 19.21 -12.55 -30.83
CA PHE A 170 19.46 -13.47 -31.95
C PHE A 170 20.94 -13.44 -32.40
N GLY A 171 21.85 -13.06 -31.51
CA GLY A 171 23.28 -13.15 -31.74
C GLY A 171 23.77 -14.56 -32.01
N LEU A 172 23.19 -15.53 -31.31
CA LEU A 172 23.53 -16.95 -31.47
C LEU A 172 22.72 -17.68 -32.56
N ALA A 173 21.77 -17.01 -33.19
CA ALA A 173 20.80 -17.70 -34.06
C ALA A 173 21.42 -18.27 -35.35
N ARG A 174 20.79 -19.32 -35.87
CA ARG A 174 21.30 -20.09 -37.04
C ARG A 174 20.18 -20.49 -38.02
N ALA A 175 20.52 -20.70 -39.29
CA ALA A 175 19.59 -21.25 -40.30
C ALA A 175 19.46 -22.79 -40.23
N SER A 176 18.34 -23.33 -40.70
CA SER A 176 18.00 -24.77 -40.61
C SER A 176 18.09 -25.49 -41.97
N GLU A 177 17.80 -24.78 -43.08
CA GLU A 177 17.81 -25.37 -44.43
N TPO A 182 20.46 -32.23 -38.86
CA TPO A 182 21.01 -31.62 -37.66
CB TPO A 182 20.69 -32.46 -36.42
CG2 TPO A 182 21.44 -31.97 -35.19
OG1 TPO A 182 19.29 -32.43 -36.11
P TPO A 182 18.71 -33.85 -35.52
O1P TPO A 182 18.55 -34.80 -36.69
O2P TPO A 182 17.44 -33.64 -34.72
O3P TPO A 182 19.62 -34.48 -34.50
C TPO A 182 22.51 -31.45 -37.80
O TPO A 182 23.22 -32.39 -38.16
N VAL A 183 22.99 -30.27 -37.45
CA VAL A 183 24.40 -29.87 -37.57
C VAL A 183 25.10 -30.21 -36.26
N MET A 184 26.43 -30.07 -36.21
CA MET A 184 27.22 -30.10 -34.96
C MET A 184 28.11 -28.84 -34.95
N TPO A 185 28.75 -28.59 -33.82
CA TPO A 185 29.64 -27.43 -33.67
CB TPO A 185 28.82 -26.17 -33.33
CG2 TPO A 185 27.98 -26.29 -32.05
OG1 TPO A 185 29.65 -25.01 -33.19
P TPO A 185 29.80 -24.05 -34.51
O1P TPO A 185 31.24 -24.25 -34.94
O2P TPO A 185 28.89 -24.45 -35.66
O3P TPO A 185 29.56 -22.62 -34.06
C TPO A 185 30.70 -27.69 -32.63
O TPO A 185 30.55 -28.59 -31.80
N SEP A 186 31.78 -26.91 -32.71
CA SEP A 186 32.89 -26.95 -31.74
CB SEP A 186 34.23 -26.62 -32.39
OG SEP A 186 34.12 -26.64 -33.81
C SEP A 186 32.65 -25.96 -30.62
O SEP A 186 32.90 -26.27 -29.45
P SEP A 186 35.27 -25.92 -34.70
O1P SEP A 186 34.97 -26.32 -36.12
O2P SEP A 186 35.07 -24.43 -34.42
O3P SEP A 186 36.59 -26.45 -34.18
N ARG A 187 32.19 -24.75 -30.99
CA ARG A 187 31.80 -23.73 -30.03
C ARG A 187 30.37 -23.98 -29.54
N ILE A 188 30.28 -24.70 -28.40
CA ILE A 188 29.00 -24.93 -27.73
C ILE A 188 28.65 -23.66 -26.98
N VAL A 189 27.53 -23.02 -27.35
CA VAL A 189 27.06 -21.78 -26.71
C VAL A 189 25.62 -21.88 -26.22
N GLY A 190 25.31 -21.06 -25.22
CA GLY A 190 23.99 -21.00 -24.62
C GLY A 190 24.05 -20.86 -23.11
N THR A 191 22.92 -21.13 -22.46
CA THR A 191 22.80 -21.02 -21.02
C THR A 191 22.46 -22.39 -20.46
N THR A 192 23.42 -22.90 -19.69
CA THR A 192 23.48 -24.29 -19.21
C THR A 192 22.17 -24.82 -18.63
N ALA A 193 21.59 -24.00 -17.74
CA ALA A 193 20.42 -24.40 -16.99
C ALA A 193 19.17 -24.54 -17.87
N TYR A 194 19.19 -23.95 -19.07
CA TYR A 194 18.10 -24.04 -20.02
C TYR A 194 18.34 -24.99 -21.18
N MET A 195 19.54 -25.56 -21.26
CA MET A 195 19.95 -26.25 -22.48
C MET A 195 19.54 -27.70 -22.48
N ALA A 196 19.09 -28.17 -23.64
CA ALA A 196 18.88 -29.58 -23.88
C ALA A 196 20.20 -30.38 -23.85
N PRO A 197 20.13 -31.69 -23.50
CA PRO A 197 21.33 -32.52 -23.48
C PRO A 197 22.09 -32.48 -24.82
N GLU A 198 21.37 -32.65 -25.92
CA GLU A 198 22.02 -32.61 -27.21
C GLU A 198 22.74 -31.29 -27.47
N ALA A 199 22.12 -30.17 -27.11
CA ALA A 199 22.75 -28.86 -27.33
C ALA A 199 24.01 -28.72 -26.49
N LEU A 200 23.99 -29.31 -25.29
CA LEU A 200 25.18 -29.30 -24.44
C LEU A 200 26.36 -30.08 -25.04
N ARG A 201 26.03 -31.02 -25.92
CA ARG A 201 27.03 -31.81 -26.66
C ARG A 201 27.35 -31.28 -28.06
N GLY A 202 26.84 -30.10 -28.42
CA GLY A 202 27.18 -29.48 -29.71
C GLY A 202 26.21 -29.66 -30.86
N GLU A 203 25.15 -30.45 -30.71
CA GLU A 203 24.12 -30.50 -31.77
C GLU A 203 23.40 -29.15 -31.87
N ILE A 204 22.93 -28.84 -33.07
CA ILE A 204 22.19 -27.61 -33.35
C ILE A 204 20.91 -28.01 -34.07
N THR A 205 19.80 -27.93 -33.34
CA THR A 205 18.50 -28.32 -33.87
C THR A 205 17.44 -27.44 -33.23
N PRO A 206 16.33 -27.16 -33.95
CA PRO A 206 15.22 -26.44 -33.34
C PRO A 206 14.58 -27.15 -32.15
N LYS A 207 14.83 -28.45 -32.03
CA LYS A 207 14.28 -29.23 -30.93
C LYS A 207 14.91 -28.82 -29.59
N SER A 208 16.12 -28.28 -29.62
CA SER A 208 16.74 -27.72 -28.44
C SER A 208 15.99 -26.48 -27.93
N ASP A 209 15.44 -25.66 -28.85
CA ASP A 209 14.64 -24.50 -28.50
C ASP A 209 13.38 -24.92 -27.73
N ILE A 210 12.77 -26.02 -28.16
CA ILE A 210 11.57 -26.55 -27.52
C ILE A 210 11.87 -26.92 -26.06
N TYR A 211 12.99 -27.60 -25.86
CA TYR A 211 13.41 -28.01 -24.50
C TYR A 211 13.57 -26.80 -23.59
N SER A 212 14.26 -25.78 -24.10
CA SER A 212 14.52 -24.55 -23.36
C SER A 212 13.21 -23.81 -23.07
N PHE A 213 12.28 -23.81 -24.01
CA PHE A 213 10.96 -23.26 -23.75
C PHE A 213 10.25 -23.98 -22.60
N GLY A 214 10.39 -25.29 -22.53
CA GLY A 214 9.84 -26.09 -21.45
C GLY A 214 10.33 -25.64 -20.08
N VAL A 215 11.62 -25.28 -20.00
CA VAL A 215 12.19 -24.73 -18.80
C VAL A 215 11.58 -23.37 -18.48
N VAL A 216 11.41 -22.54 -19.50
CA VAL A 216 10.75 -21.25 -19.32
C VAL A 216 9.34 -21.42 -18.76
N LEU A 217 8.59 -22.38 -19.28
CA LEU A 217 7.25 -22.64 -18.77
C LEU A 217 7.24 -23.07 -17.31
N LEU A 218 8.28 -23.78 -16.87
CA LEU A 218 8.41 -24.10 -15.43
C LEU A 218 8.73 -22.86 -14.60
N GLU A 219 9.56 -21.94 -15.12
CA GLU A 219 9.78 -20.67 -14.43
C GLU A 219 8.47 -19.88 -14.27
N ILE A 220 7.64 -19.89 -15.32
CA ILE A 220 6.37 -19.19 -15.33
C ILE A 220 5.43 -19.75 -14.28
N ILE A 221 5.36 -21.08 -14.18
CA ILE A 221 4.50 -21.75 -13.19
C ILE A 221 4.98 -21.59 -11.77
N THR A 222 6.28 -21.73 -11.55
CA THR A 222 6.82 -21.78 -10.18
C THR A 222 7.33 -20.44 -9.67
N GLY A 223 7.67 -19.53 -10.60
CA GLY A 223 8.43 -18.32 -10.24
C GLY A 223 9.85 -18.55 -9.77
N LEU A 224 10.37 -19.76 -9.95
CA LEU A 224 11.73 -20.10 -9.51
C LEU A 224 12.69 -19.90 -10.66
N PRO A 225 13.89 -19.38 -10.40
CA PRO A 225 14.89 -19.33 -11.51
C PRO A 225 15.39 -20.74 -11.93
N ALA A 226 15.80 -20.88 -13.19
CA ALA A 226 16.23 -22.19 -13.74
C ALA A 226 17.35 -22.83 -12.94
N VAL A 227 18.21 -21.99 -12.38
CA VAL A 227 19.26 -22.45 -11.50
C VAL A 227 19.36 -21.51 -10.29
N ASP A 228 19.45 -22.12 -9.11
CA ASP A 228 19.75 -21.42 -7.85
C ASP A 228 20.80 -22.27 -7.11
N GLU A 229 21.98 -21.68 -6.93
CA GLU A 229 23.08 -22.36 -6.22
C GLU A 229 22.71 -22.72 -4.76
N HIS A 230 21.89 -21.87 -4.12
CA HIS A 230 21.43 -22.10 -2.75
C HIS A 230 20.08 -22.85 -2.71
N ARG A 231 19.92 -23.95 -3.45
CA ARG A 231 18.61 -24.64 -3.55
C ARG A 231 18.76 -26.15 -3.76
N GLU A 232 17.68 -26.89 -3.54
CA GLU A 232 17.55 -28.31 -3.87
C GLU A 232 16.17 -28.51 -4.51
N PRO A 233 16.08 -29.03 -5.74
CA PRO A 233 17.20 -29.20 -6.66
C PRO A 233 17.72 -27.86 -7.12
N GLN A 234 18.99 -27.79 -7.49
CA GLN A 234 19.57 -26.52 -7.96
C GLN A 234 19.09 -26.19 -9.38
N LEU A 235 18.70 -27.22 -10.15
CA LEU A 235 18.23 -27.04 -11.51
C LEU A 235 16.74 -27.29 -11.56
N LEU A 236 16.02 -26.30 -12.05
CA LEU A 236 14.57 -26.33 -12.04
C LEU A 236 14.02 -27.51 -12.83
N LEU A 237 14.66 -27.88 -13.94
CA LEU A 237 14.21 -29.06 -14.72
C LEU A 237 14.05 -30.32 -13.88
N ASP A 238 14.84 -30.46 -12.83
CA ASP A 238 14.79 -31.64 -11.97
C ASP A 238 13.42 -31.83 -11.30
N ILE A 239 12.66 -30.76 -11.07
CA ILE A 239 11.32 -30.91 -10.45
C ILE A 239 10.41 -31.80 -11.31
N LYS A 240 10.68 -31.87 -12.62
CA LYS A 240 9.96 -32.81 -13.45
C LYS A 240 10.09 -34.25 -12.92
N GLU A 241 11.29 -34.59 -12.45
CA GLU A 241 11.58 -35.93 -11.93
C GLU A 241 10.85 -36.11 -10.62
N GLU A 242 11.02 -35.15 -9.71
CA GLU A 242 10.36 -35.15 -8.39
C GLU A 242 8.84 -35.30 -8.48
N ILE A 243 8.25 -34.70 -9.52
CA ILE A 243 6.82 -34.81 -9.76
C ILE A 243 6.44 -36.18 -10.35
N GLU A 244 7.20 -36.67 -11.32
CA GLU A 244 6.90 -37.98 -11.95
C GLU A 244 7.05 -39.18 -10.99
N ASP A 245 7.98 -39.07 -10.04
CA ASP A 245 8.16 -40.05 -8.96
C ASP A 245 7.27 -39.74 -7.72
N GLU A 246 6.18 -38.99 -7.92
CA GLU A 246 5.05 -38.80 -6.97
C GLU A 246 5.36 -38.49 -5.49
N GLU A 247 6.54 -37.93 -5.24
CA GLU A 247 6.89 -37.38 -3.92
C GLU A 247 6.12 -36.07 -3.76
N LYS A 248 6.20 -35.25 -4.81
CA LYS A 248 5.50 -33.97 -4.91
C LYS A 248 4.56 -33.97 -6.12
N THR A 249 3.77 -32.90 -6.23
CA THR A 249 2.92 -32.65 -7.39
C THR A 249 3.15 -31.20 -7.88
N ILE A 250 2.65 -30.88 -9.06
CA ILE A 250 2.85 -29.53 -9.61
C ILE A 250 2.16 -28.48 -8.75
N GLU A 251 0.97 -28.80 -8.26
CA GLU A 251 0.27 -27.98 -7.26
C GLU A 251 1.22 -27.48 -6.15
N ASP A 252 2.15 -28.33 -5.72
CA ASP A 252 3.08 -27.98 -4.63
C ASP A 252 4.12 -26.95 -5.04
N TYR A 253 4.38 -26.84 -6.35
CA TYR A 253 5.39 -25.92 -6.87
C TYR A 253 4.84 -24.60 -7.42
N ILE A 254 3.51 -24.48 -7.55
CA ILE A 254 2.88 -23.27 -8.09
C ILE A 254 3.38 -22.05 -7.33
N ASP A 255 3.77 -21.02 -8.08
CA ASP A 255 4.24 -19.76 -7.50
C ASP A 255 3.15 -19.29 -6.54
N LYS A 256 3.54 -19.06 -5.29
CA LYS A 256 2.62 -18.60 -4.26
C LYS A 256 2.31 -17.09 -4.36
N LYS A 257 3.02 -16.38 -5.24
CA LYS A 257 2.76 -14.96 -5.47
C LYS A 257 1.64 -14.66 -6.51
N MET A 258 0.75 -15.63 -6.71
CA MET A 258 -0.42 -15.48 -7.59
C MET A 258 -1.67 -15.71 -6.76
N ASN A 259 -2.72 -14.92 -7.03
CA ASN A 259 -4.06 -15.17 -6.43
C ASN A 259 -5.06 -15.86 -7.39
N ASP A 260 -4.75 -15.88 -8.69
CA ASP A 260 -5.70 -16.22 -9.75
C ASP A 260 -5.33 -17.45 -10.57
N ALA A 261 -4.54 -18.36 -10.01
CA ALA A 261 -4.10 -19.54 -10.76
C ALA A 261 -4.99 -20.72 -10.43
N ASP A 262 -5.80 -21.18 -11.37
CA ASP A 262 -6.56 -22.42 -11.16
C ASP A 262 -5.73 -23.64 -11.57
N SER A 263 -5.95 -24.72 -10.85
CA SER A 263 -5.29 -26.01 -11.03
C SER A 263 -5.33 -26.55 -12.44
N THR A 264 -6.51 -26.49 -13.05
CA THR A 264 -6.70 -27.09 -14.35
C THR A 264 -5.79 -26.44 -15.36
N SER A 265 -5.76 -25.10 -15.40
CA SER A 265 -4.93 -24.38 -16.38
C SER A 265 -3.42 -24.54 -16.07
N VAL A 266 -3.04 -24.51 -14.80
CA VAL A 266 -1.66 -24.74 -14.42
C VAL A 266 -1.18 -26.14 -14.84
N GLU A 267 -1.99 -27.15 -14.55
CA GLU A 267 -1.68 -28.53 -14.96
C GLU A 267 -1.59 -28.67 -16.48
N ALA A 268 -2.43 -27.94 -17.21
CA ALA A 268 -2.35 -27.95 -18.65
C ALA A 268 -1.02 -27.33 -19.16
N MET A 269 -0.57 -26.20 -18.57
CA MET A 269 0.72 -25.62 -18.94
C MET A 269 1.88 -26.57 -18.56
N TYR A 270 1.78 -27.18 -17.38
CA TYR A 270 2.75 -28.18 -16.95
C TYR A 270 2.84 -29.36 -17.92
N SER A 271 1.69 -29.84 -18.37
CA SER A 271 1.66 -30.94 -19.35
C SER A 271 2.48 -30.58 -20.59
N VAL A 272 2.35 -29.34 -21.05
CA VAL A 272 3.12 -28.85 -22.19
C VAL A 272 4.61 -28.81 -21.86
N ALA A 273 4.94 -28.29 -20.68
CA ALA A 273 6.35 -28.19 -20.28
C ALA A 273 7.01 -29.57 -20.16
N SER A 274 6.28 -30.51 -19.57
CA SER A 274 6.73 -31.89 -19.43
C SER A 274 7.10 -32.52 -20.77
N GLN A 275 6.19 -32.40 -21.75
CA GLN A 275 6.43 -32.86 -23.11
C GLN A 275 7.62 -32.17 -23.79
N CYS A 276 7.75 -30.85 -23.58
CA CYS A 276 8.89 -30.08 -24.10
C CYS A 276 10.21 -30.55 -23.50
N LEU A 277 10.17 -31.00 -22.25
CA LEU A 277 11.35 -31.47 -21.53
C LEU A 277 11.69 -32.96 -21.70
N HIS A 278 11.10 -33.63 -22.69
CA HIS A 278 11.46 -35.02 -23.00
C HIS A 278 12.95 -35.08 -23.35
N GLU A 279 13.67 -36.04 -22.78
CA GLU A 279 15.13 -36.10 -22.93
C GLU A 279 15.56 -36.57 -24.32
N LYS A 280 14.72 -37.39 -24.95
CA LYS A 280 14.90 -37.79 -26.35
C LYS A 280 14.35 -36.71 -27.28
N LYS A 281 15.26 -35.93 -27.89
CA LYS A 281 14.87 -34.83 -28.80
C LYS A 281 13.70 -35.13 -29.75
N ASN A 282 13.64 -36.36 -30.26
CA ASN A 282 12.67 -36.74 -31.28
C ASN A 282 11.24 -36.92 -30.76
N LYS A 283 11.10 -37.14 -29.46
CA LYS A 283 9.79 -37.31 -28.83
C LYS A 283 9.15 -35.97 -28.39
N ARG A 284 9.93 -34.90 -28.38
CA ARG A 284 9.40 -33.58 -28.04
C ARG A 284 8.44 -33.11 -29.10
N PRO A 285 7.41 -32.37 -28.71
CA PRO A 285 6.55 -31.77 -29.72
C PRO A 285 7.26 -30.63 -30.45
N ASP A 286 6.86 -30.40 -31.68
CA ASP A 286 7.29 -29.24 -32.44
C ASP A 286 6.55 -28.00 -31.90
N ILE A 287 7.07 -26.83 -32.25
CA ILE A 287 6.54 -25.58 -31.71
C ILE A 287 5.06 -25.38 -32.02
N LYS A 288 4.60 -25.81 -33.20
CA LYS A 288 3.20 -25.67 -33.58
C LYS A 288 2.28 -26.40 -32.60
N LYS A 289 2.68 -27.59 -32.19
CA LYS A 289 1.91 -28.34 -31.23
C LYS A 289 1.87 -27.58 -29.90
N VAL A 290 2.98 -26.93 -29.55
CA VAL A 290 3.05 -26.17 -28.30
C VAL A 290 2.08 -24.97 -28.30
N GLN A 291 2.08 -24.18 -29.37
CA GLN A 291 1.07 -23.13 -29.56
C GLN A 291 -0.34 -23.63 -29.34
N GLN A 292 -0.71 -24.70 -30.06
CA GLN A 292 -2.07 -25.27 -30.02
C GLN A 292 -2.45 -25.65 -28.61
N LEU A 293 -1.55 -26.36 -27.95
CA LEU A 293 -1.79 -26.75 -26.57
C LEU A 293 -1.94 -25.56 -25.63
N LEU A 294 -1.13 -24.52 -25.84
CA LEU A 294 -1.23 -23.29 -25.04
C LEU A 294 -2.51 -22.48 -25.34
N GLN A 295 -3.00 -22.56 -26.58
CA GLN A 295 -4.30 -21.96 -26.95
C GLN A 295 -5.45 -22.68 -26.24
N GLU A 296 -5.44 -24.01 -26.31
CA GLU A 296 -6.48 -24.86 -25.68
C GLU A 296 -6.58 -24.64 -24.18
N MET A 297 -5.45 -24.35 -23.54
CA MET A 297 -5.36 -24.02 -22.11
C MET A 297 -6.26 -22.87 -21.67
N THR A 298 -6.43 -21.86 -22.54
CA THR A 298 -7.37 -20.75 -22.30
C THR A 298 -8.68 -21.00 -23.09
N ALA A 299 -9.35 -22.12 -22.78
CA ALA A 299 -10.62 -22.52 -23.43
CA SER B 1 12.61 11.69 38.77
C SER B 1 11.29 11.44 38.06
N ASP B 2 10.88 10.17 38.00
CA ASP B 2 9.66 9.72 37.31
C ASP B 2 8.38 9.81 38.17
N THR B 3 8.53 10.16 39.44
CA THR B 3 7.42 10.28 40.41
C THR B 3 7.38 11.70 41.02
N ARG B 4 8.03 12.63 40.34
CA ARG B 4 8.35 13.96 40.86
C ARG B 4 7.94 15.07 39.83
N PHE B 5 7.77 16.28 40.35
CA PHE B 5 7.82 17.47 39.47
C PHE B 5 9.20 18.18 39.31
N HIS B 6 9.78 17.96 38.13
CA HIS B 6 11.10 18.47 37.75
C HIS B 6 11.04 19.99 37.63
N SER B 7 12.00 20.68 38.25
CA SER B 7 12.24 22.10 37.94
C SER B 7 13.33 22.12 36.88
N PHE B 8 12.99 22.59 35.67
CA PHE B 8 13.95 22.68 34.55
C PHE B 8 14.51 24.09 34.41
N SER B 9 15.75 24.18 33.98
CA SER B 9 16.31 25.47 33.58
C SER B 9 15.93 25.67 32.11
N PHE B 10 15.74 26.93 31.75
CA PHE B 10 15.43 27.35 30.38
C PHE B 10 16.40 26.80 29.35
N TYR B 11 17.69 26.72 29.72
CA TYR B 11 18.73 26.36 28.77
C TYR B 11 18.70 24.87 28.45
N GLU B 12 18.22 24.05 29.39
CA GLU B 12 18.01 22.62 29.10
C GLU B 12 16.91 22.45 28.06
N LEU B 13 15.82 23.19 28.24
CA LEU B 13 14.67 23.12 27.33
C LEU B 13 15.01 23.70 25.96
N LYS B 14 15.75 24.79 25.94
CA LYS B 14 16.27 25.38 24.69
C LYS B 14 17.13 24.37 23.94
N ASN B 15 18.05 23.75 24.66
CA ASN B 15 18.91 22.71 24.10
C ASN B 15 18.09 21.59 23.46
N VAL B 16 17.17 21.02 24.24
CA VAL B 16 16.42 19.81 23.82
C VAL B 16 15.29 20.04 22.80
N THR B 17 14.88 21.29 22.60
CA THR B 17 14.00 21.67 21.50
C THR B 17 14.72 22.30 20.30
N ASN B 18 16.04 22.14 20.19
CA ASN B 18 16.88 22.73 19.12
C ASN B 18 16.69 24.25 18.99
N ASN B 19 16.86 24.93 20.12
CA ASN B 19 16.67 26.38 20.25
C ASN B 19 15.25 26.82 19.85
N PHE B 20 14.25 26.03 20.27
CA PHE B 20 12.83 26.27 19.98
C PHE B 20 12.56 26.49 18.47
N ASP B 21 13.02 25.51 17.69
CA ASP B 21 12.90 25.52 16.23
C ASP B 21 11.42 25.51 15.81
N GLU B 22 10.96 26.64 15.25
CA GLU B 22 9.56 26.84 14.90
C GLU B 22 9.09 26.19 13.57
N ARG B 23 9.93 25.37 12.93
CA ARG B 23 9.52 24.67 11.71
C ARG B 23 8.79 23.39 12.13
N PRO B 24 7.86 22.87 11.29
CA PRO B 24 7.18 21.64 11.66
C PRO B 24 8.10 20.42 11.74
N ILE B 25 7.69 19.46 12.54
CA ILE B 25 8.43 18.23 12.79
C ILE B 25 8.60 17.41 11.50
N SER B 26 7.60 17.49 10.62
CA SER B 26 7.61 16.83 9.31
C SER B 26 8.79 17.29 8.42
N VAL B 27 9.10 18.59 8.44
CA VAL B 27 10.25 19.12 7.68
C VAL B 27 11.54 19.30 8.55
N GLY B 28 11.70 18.46 9.58
CA GLY B 28 12.89 18.50 10.46
C GLY B 28 12.95 19.53 11.60
N GLY B 29 11.86 20.28 11.83
CA GLY B 29 11.80 21.22 12.95
C GLY B 29 11.33 20.62 14.27
N ASN B 30 10.92 21.49 15.20
CA ASN B 30 10.47 21.05 16.54
C ASN B 30 9.05 21.44 16.94
N LYS B 31 8.40 22.30 16.16
CA LYS B 31 7.07 22.79 16.50
C LYS B 31 6.04 21.70 16.17
N MET B 32 5.19 21.39 17.14
CA MET B 32 4.09 20.41 16.95
C MET B 32 2.74 21.10 16.79
N GLY B 33 2.57 22.26 17.41
CA GLY B 33 1.36 23.03 17.28
C GLY B 33 1.39 24.33 18.06
N GLU B 34 0.41 25.18 17.80
CA GLU B 34 0.17 26.39 18.58
C GLU B 34 -0.90 25.97 19.58
N GLY B 35 -0.72 26.35 20.84
CA GLY B 35 -1.62 25.95 21.93
C GLY B 35 -2.32 27.12 22.57
N GLY B 36 -2.87 26.89 23.74
CA GLY B 36 -3.53 27.93 24.52
C GLY B 36 -2.48 28.91 25.02
N PHE B 37 -2.31 30.01 24.30
CA PHE B 37 -1.42 31.11 24.70
C PHE B 37 0.05 30.66 24.77
N GLY B 38 0.50 30.06 23.68
CA GLY B 38 1.86 29.52 23.59
C GLY B 38 2.02 28.55 22.43
N VAL B 39 3.28 28.21 22.11
CA VAL B 39 3.62 27.24 21.07
C VAL B 39 4.09 25.95 21.75
N VAL B 40 3.87 24.79 21.12
CA VAL B 40 4.21 23.49 21.71
C VAL B 40 5.25 22.82 20.84
N TYR B 41 6.43 22.59 21.43
CA TYR B 41 7.57 21.96 20.75
C TYR B 41 7.80 20.53 21.24
N LYS B 42 8.44 19.73 20.40
CA LYS B 42 8.88 18.41 20.78
C LYS B 42 10.25 18.54 21.41
N GLY B 43 10.52 17.67 22.39
CA GLY B 43 11.78 17.68 23.12
C GLY B 43 12.21 16.29 23.55
N TYR B 44 13.52 16.12 23.73
CA TYR B 44 14.09 14.90 24.29
C TYR B 44 14.89 15.20 25.57
N VAL B 45 14.33 14.83 26.72
CA VAL B 45 15.01 14.88 28.01
C VAL B 45 15.29 13.46 28.51
N ASN B 46 16.56 13.17 28.76
CA ASN B 46 17.05 11.81 29.08
C ASN B 46 16.76 10.91 27.85
N ASN B 47 16.05 9.78 28.03
CA ASN B 47 15.57 8.97 26.91
C ASN B 47 14.06 9.18 26.66
N THR B 48 13.49 10.24 27.23
CA THR B 48 12.05 10.51 27.21
C THR B 48 11.71 11.61 26.20
N THR B 49 10.87 11.30 25.21
CA THR B 49 10.26 12.36 24.40
C THR B 49 9.28 13.13 25.27
N VAL B 50 9.27 14.46 25.12
CA VAL B 50 8.40 15.33 25.91
C VAL B 50 7.85 16.43 25.04
N ALA B 51 6.85 17.11 25.58
CA ALA B 51 6.20 18.22 24.90
C ALA B 51 6.47 19.46 25.73
N VAL B 52 7.01 20.51 25.10
CA VAL B 52 7.39 21.73 25.81
C VAL B 52 6.55 22.88 25.27
N LYS B 53 5.77 23.49 26.17
CA LYS B 53 4.96 24.65 25.83
C LYS B 53 5.67 25.91 26.31
N LYS B 54 6.12 26.74 25.36
CA LYS B 54 6.65 28.08 25.64
C LYS B 54 5.54 29.14 25.45
N LEU B 55 5.23 29.87 26.52
CA LEU B 55 4.09 30.81 26.52
C LEU B 55 4.39 32.13 25.80
N ALA B 56 3.35 32.75 25.23
CA ALA B 56 3.37 34.18 24.83
CA LYS B 67 0.98 34.61 29.76
C LYS B 67 1.27 34.69 31.27
N GLN B 68 0.37 35.31 32.02
CA GLN B 68 0.54 35.44 33.49
C GLN B 68 0.11 34.15 34.22
N GLN B 69 -0.97 33.50 33.75
CA GLN B 69 -1.66 32.40 34.44
C GLN B 69 -1.05 31.02 34.17
N PHE B 70 0.23 30.98 33.87
CA PHE B 70 1.20 29.89 34.13
C PHE B 70 0.96 29.12 35.45
N ASP B 71 0.71 29.90 36.49
CA ASP B 71 0.48 29.37 37.84
C ASP B 71 -0.82 28.61 37.96
N GLN B 72 -1.84 29.06 37.24
CA GLN B 72 -3.16 28.40 37.19
C GLN B 72 -2.98 26.96 36.69
N GLU B 73 -2.32 26.84 35.53
CA GLU B 73 -2.04 25.55 34.91
C GLU B 73 -1.26 24.60 35.85
N ILE B 74 -0.19 25.10 36.45
CA ILE B 74 0.62 24.29 37.37
C ILE B 74 -0.26 23.86 38.57
N LYS B 75 -1.02 24.81 39.12
CA LYS B 75 -1.85 24.54 40.28
C LYS B 75 -2.95 23.50 39.99
N VAL B 76 -3.61 23.67 38.85
CA VAL B 76 -4.68 22.75 38.44
C VAL B 76 -4.10 21.36 38.15
N MET B 77 -2.96 21.30 37.45
CA MET B 77 -2.31 20.02 37.14
C MET B 77 -1.71 19.33 38.35
N ALA B 78 -1.30 20.11 39.35
CA ALA B 78 -0.86 19.56 40.62
C ALA B 78 -2.03 18.84 41.31
N LYS B 79 -3.20 19.48 41.27
CA LYS B 79 -4.40 18.93 41.89
C LYS B 79 -5.01 17.80 41.05
N CYS B 80 -5.05 17.98 39.73
CA CYS B 80 -5.86 17.11 38.84
C CYS B 80 -5.02 16.11 38.05
N GLN B 81 -4.95 14.88 38.55
CA GLN B 81 -4.20 13.79 37.93
C GLN B 81 -5.17 12.63 37.71
N HIS B 82 -5.29 12.20 36.46
CA HIS B 82 -6.23 11.16 36.06
C HIS B 82 -5.71 10.60 34.75
N GLU B 83 -6.06 9.35 34.44
CA GLU B 83 -5.55 8.72 33.22
C GLU B 83 -6.06 9.37 31.92
N ASN B 84 -7.17 10.08 31.99
CA ASN B 84 -7.67 10.83 30.85
C ASN B 84 -7.37 12.32 30.93
N LEU B 85 -6.31 12.71 31.62
CA LEU B 85 -5.78 14.07 31.58
C LEU B 85 -4.27 14.02 31.30
N VAL B 86 -3.80 14.95 30.48
CA VAL B 86 -2.36 15.01 30.17
C VAL B 86 -1.60 15.28 31.46
N GLU B 87 -0.46 14.62 31.62
CA GLU B 87 0.40 14.81 32.77
C GLU B 87 1.42 15.93 32.56
N LEU B 88 1.54 16.78 33.56
CA LEU B 88 2.62 17.75 33.64
C LEU B 88 3.86 17.07 34.24
N LEU B 89 4.98 17.16 33.54
CA LEU B 89 6.27 16.72 34.07
C LEU B 89 6.98 17.83 34.81
N GLY B 90 6.92 19.05 34.30
CA GLY B 90 7.60 20.14 34.97
C GLY B 90 7.41 21.48 34.32
N PHE B 91 8.23 22.41 34.79
CA PHE B 91 8.16 23.80 34.36
C PHE B 91 9.54 24.45 34.40
N SER B 92 9.60 25.69 33.94
CA SER B 92 10.79 26.51 33.99
C SER B 92 10.37 27.98 34.12
N SER B 93 10.73 28.59 35.25
CA SER B 93 10.43 30.02 35.53
C SER B 93 11.63 30.94 35.33
N ASP B 94 12.85 30.39 35.23
CA ASP B 94 14.03 31.19 34.85
C ASP B 94 14.00 31.37 33.31
N GLY B 95 15.09 31.81 32.69
CA GLY B 95 15.10 32.22 31.31
C GLY B 95 14.23 33.40 30.94
N ASP B 96 14.21 33.71 29.65
CA ASP B 96 13.36 34.78 29.11
C ASP B 96 11.87 34.38 29.21
N ASP B 97 11.54 33.23 28.63
CA ASP B 97 10.14 32.76 28.54
C ASP B 97 9.78 31.72 29.61
N LEU B 98 8.48 31.59 29.87
CA LEU B 98 7.94 30.60 30.80
C LEU B 98 7.58 29.32 30.05
N CYS B 99 8.11 28.17 30.51
CA CYS B 99 7.89 26.88 29.84
C CYS B 99 7.14 25.88 30.71
N LEU B 100 6.23 25.11 30.09
CA LEU B 100 5.58 23.97 30.75
C LEU B 100 5.94 22.70 29.99
N VAL B 101 6.26 21.63 30.71
CA VAL B 101 6.74 20.39 30.09
C VAL B 101 5.80 19.25 30.41
N TYR B 102 5.39 18.52 29.38
CA TYR B 102 4.34 17.49 29.47
C TYR B 102 4.83 16.18 28.93
N VAL B 103 4.15 15.12 29.36
CA VAL B 103 4.34 13.81 28.77
C VAL B 103 3.94 13.91 27.29
N TYR B 104 4.78 13.36 26.42
CA TYR B 104 4.54 13.38 24.98
C TYR B 104 3.39 12.46 24.59
N MET B 105 2.50 12.96 23.72
CA MET B 105 1.33 12.25 23.28
C MET B 105 1.60 11.89 21.82
N PRO B 106 2.08 10.66 21.58
CA PRO B 106 2.54 10.31 20.23
C PRO B 106 1.51 10.32 19.13
N ASN B 107 0.22 10.29 19.45
CA ASN B 107 -0.82 10.41 18.42
C ASN B 107 -1.49 11.78 18.31
N GLY B 108 -0.90 12.80 18.94
CA GLY B 108 -1.31 14.18 18.78
C GLY B 108 -2.72 14.45 19.24
N SER B 109 -3.40 15.36 18.55
CA SER B 109 -4.74 15.80 18.93
C SER B 109 -5.77 15.01 18.15
N LEU B 110 -6.96 14.87 18.74
CA LEU B 110 -8.11 14.29 18.06
C LEU B 110 -8.47 15.08 16.77
N LEU B 111 -8.35 16.39 16.81
CA LEU B 111 -8.68 17.20 15.65
C LEU B 111 -7.80 16.73 14.50
N ASP B 112 -6.50 16.67 14.74
CA ASP B 112 -5.55 16.29 13.69
C ASP B 112 -5.76 14.86 13.17
N ARG B 113 -6.17 13.93 14.05
CA ARG B 113 -6.44 12.55 13.61
C ARG B 113 -7.77 12.47 12.89
N LEU B 114 -8.72 13.34 13.26
CA LEU B 114 -9.98 13.38 12.55
C LEU B 114 -9.76 13.88 11.10
N SER B 115 -8.80 14.77 10.91
CA SER B 115 -8.47 15.28 9.58
C SER B 115 -7.36 14.50 8.86
N CYS B 116 -6.83 13.45 9.50
CA CYS B 116 -5.76 12.58 8.95
C CYS B 116 -4.52 13.39 8.56
N LEU B 117 -4.19 14.36 9.39
CA LEU B 117 -3.08 15.27 9.14
C LEU B 117 -1.76 14.50 9.14
N ASP B 118 -0.84 14.91 8.27
CA ASP B 118 0.48 14.27 8.13
C ASP B 118 0.41 12.77 7.75
N GLY B 119 -0.66 12.37 7.09
CA GLY B 119 -0.78 11.04 6.51
C GLY B 119 -1.19 9.93 7.44
N THR B 120 -1.73 10.26 8.60
CA THR B 120 -2.16 9.21 9.53
C THR B 120 -3.47 8.62 9.03
N PRO B 121 -3.74 7.34 9.31
CA PRO B 121 -4.95 6.74 8.75
C PRO B 121 -6.16 7.15 9.57
N PRO B 122 -7.35 7.10 8.96
CA PRO B 122 -8.58 7.48 9.65
C PRO B 122 -8.87 6.62 10.86
N LEU B 123 -9.36 7.25 11.93
CA LEU B 123 -9.77 6.54 13.12
C LEU B 123 -11.00 5.69 12.81
N SER B 124 -10.95 4.43 13.25
CA SER B 124 -12.10 3.55 13.16
C SER B 124 -13.15 4.06 14.10
N TRP B 125 -14.40 3.66 13.83
CA TRP B 125 -15.51 3.90 14.75
C TRP B 125 -15.23 3.32 16.13
N HIS B 126 -14.60 2.14 16.17
CA HIS B 126 -14.26 1.51 17.44
C HIS B 126 -13.34 2.40 18.31
N MET B 127 -12.25 2.90 17.72
N MET B 127 -12.25 2.90 17.72
CA MET B 127 -11.39 3.84 18.47
CA MET B 127 -11.37 3.83 18.46
C MET B 127 -12.15 5.11 18.85
C MET B 127 -12.15 5.11 18.85
N ARG B 128 -12.95 5.63 17.93
CA ARG B 128 -13.74 6.83 18.18
C ARG B 128 -14.61 6.70 19.42
N CYS B 129 -15.26 5.55 19.57
CA CYS B 129 -16.08 5.29 20.75
C CYS B 129 -15.24 5.27 22.01
N LYS B 130 -14.07 4.66 21.94
CA LYS B 130 -13.15 4.62 23.11
CA LYS B 130 -13.16 4.62 23.12
C LYS B 130 -12.68 6.02 23.49
N ILE B 131 -12.39 6.84 22.47
CA ILE B 131 -11.92 8.20 22.70
C ILE B 131 -13.01 9.08 23.33
N ALA B 132 -14.23 8.90 22.86
CA ALA B 132 -15.40 9.58 23.44
C ALA B 132 -15.59 9.21 24.94
N GLN B 133 -15.56 7.92 25.24
CA GLN B 133 -15.71 7.45 26.62
C GLN B 133 -14.58 7.99 27.50
N GLY B 134 -13.37 7.94 26.98
CA GLY B 134 -12.18 8.46 27.69
C GLY B 134 -12.22 9.95 27.97
N ALA B 135 -12.59 10.73 26.97
CA ALA B 135 -12.68 12.18 27.13
C ALA B 135 -13.73 12.54 28.21
N ALA B 136 -14.83 11.80 28.24
CA ALA B 136 -15.90 12.01 29.22
C ALA B 136 -15.47 11.61 30.62
N ASN B 137 -14.66 10.56 30.75
CA ASN B 137 -14.09 10.21 32.07
C ASN B 137 -13.21 11.35 32.56
N GLY B 138 -12.48 12.00 31.65
CA GLY B 138 -11.64 13.15 31.99
C GLY B 138 -12.43 14.35 32.44
N ILE B 139 -13.47 14.70 31.69
CA ILE B 139 -14.34 15.82 32.06
C ILE B 139 -15.02 15.51 33.39
N ASN B 140 -15.50 14.27 33.58
CA ASN B 140 -16.11 13.87 34.84
C ASN B 140 -15.18 14.04 36.04
N PHE B 141 -13.91 13.67 35.89
CA PHE B 141 -12.93 13.91 36.93
C PHE B 141 -12.77 15.39 37.25
N LEU B 142 -12.76 16.23 36.22
CA LEU B 142 -12.61 17.67 36.45
C LEU B 142 -13.84 18.24 37.22
N HIS B 143 -15.04 17.83 36.82
CA HIS B 143 -16.27 18.33 37.43
C HIS B 143 -16.46 17.80 38.86
N GLU B 144 -16.25 16.50 39.07
CA GLU B 144 -16.19 15.92 40.44
C GLU B 144 -15.25 16.70 41.37
N ASN B 145 -14.13 17.19 40.83
CA ASN B 145 -13.18 17.99 41.58
C ASN B 145 -13.42 19.49 41.43
N HIS B 146 -14.63 19.87 41.04
CA HIS B 146 -15.06 21.26 41.01
C HIS B 146 -14.17 22.17 40.15
N HIS B 147 -13.79 21.66 38.98
CA HIS B 147 -13.05 22.41 37.97
C HIS B 147 -13.87 22.49 36.69
N ILE B 148 -13.83 23.65 36.05
CA ILE B 148 -14.50 23.88 34.77
C ILE B 148 -13.37 24.09 33.77
N HIS B 149 -13.40 23.38 32.65
CA HIS B 149 -12.32 23.45 31.68
C HIS B 149 -12.38 24.77 30.89
N ARG B 150 -13.55 25.08 30.33
CA ARG B 150 -13.81 26.30 29.52
C ARG B 150 -13.30 26.32 28.07
N ASP B 151 -12.64 25.25 27.61
CA ASP B 151 -12.13 25.17 26.24
C ASP B 151 -12.03 23.71 25.78
N ILE B 152 -13.10 22.96 26.04
CA ILE B 152 -13.28 21.59 25.53
C ILE B 152 -13.48 21.70 24.00
N LYS B 153 -12.62 20.99 23.29
CA LYS B 153 -12.62 20.91 21.84
C LYS B 153 -11.65 19.83 21.41
N SER B 154 -11.78 19.41 20.15
CA SER B 154 -10.98 18.32 19.66
C SER B 154 -9.46 18.63 19.65
N ALA B 155 -9.08 19.89 19.49
CA ALA B 155 -7.63 20.24 19.56
C ALA B 155 -7.05 20.06 20.97
N ASN B 156 -7.91 20.02 21.99
CA ASN B 156 -7.50 19.81 23.38
C ASN B 156 -7.79 18.42 23.92
N ILE B 157 -8.07 17.45 23.04
CA ILE B 157 -8.13 16.06 23.44
C ILE B 157 -6.96 15.37 22.78
N LEU B 158 -5.95 15.02 23.56
CA LEU B 158 -4.74 14.43 23.01
C LEU B 158 -4.82 12.91 23.12
N LEU B 159 -4.02 12.25 22.30
CA LEU B 159 -4.08 10.81 22.14
C LEU B 159 -2.70 10.22 22.38
N ASP B 160 -2.60 9.27 23.30
CA ASP B 160 -1.34 8.64 23.66
C ASP B 160 -1.04 7.46 22.74
N GLU B 161 0.02 6.75 23.07
CA GLU B 161 0.45 5.53 22.35
C GLU B 161 -0.69 4.51 22.12
N ALA B 162 -1.66 4.43 23.03
CA ALA B 162 -2.79 3.49 22.91
C ALA B 162 -4.11 4.13 22.49
N PHE B 163 -4.03 5.36 21.98
CA PHE B 163 -5.21 6.16 21.62
C PHE B 163 -6.13 6.43 22.79
N THR B 164 -5.56 6.49 23.99
CA THR B 164 -6.30 6.93 25.16
C THR B 164 -6.44 8.44 25.10
N ALA B 165 -7.69 8.92 25.30
CA ALA B 165 -8.00 10.34 25.28
C ALA B 165 -7.45 11.02 26.51
N LYS B 166 -6.79 12.15 26.32
CA LYS B 166 -6.23 12.94 27.40
C LYS B 166 -6.64 14.40 27.23
N ILE B 167 -7.45 14.91 28.14
CA ILE B 167 -7.82 16.32 28.10
C ILE B 167 -6.54 17.13 28.43
N SER B 168 -6.35 18.23 27.73
CA SER B 168 -5.21 19.11 27.93
C SER B 168 -5.65 20.55 27.93
N ASP B 169 -4.70 21.43 28.20
CA ASP B 169 -4.88 22.89 28.31
C ASP B 169 -5.87 23.32 29.38
N PHE B 170 -5.36 23.43 30.61
CA PHE B 170 -6.10 23.96 31.76
C PHE B 170 -5.67 25.38 32.14
N GLY B 171 -5.14 26.16 31.18
CA GLY B 171 -4.81 27.56 31.41
C GLY B 171 -6.02 28.42 31.72
N LEU B 172 -7.15 28.08 31.08
CA LEU B 172 -8.42 28.77 31.28
C LEU B 172 -9.28 28.21 32.41
N ALA B 173 -8.85 27.13 33.06
CA ALA B 173 -9.71 26.41 34.00
C ALA B 173 -10.01 27.20 35.29
N ARG B 174 -11.14 26.90 35.91
CA ARG B 174 -11.67 27.61 37.08
C ARG B 174 -12.27 26.66 38.13
N ALA B 175 -12.24 27.08 39.40
CA ALA B 175 -12.94 26.36 40.50
C ALA B 175 -14.46 26.70 40.57
N SER B 176 -15.25 25.78 41.15
CA SER B 176 -16.70 25.96 41.30
N TPO B 182 -23.55 30.05 39.75
CA TPO B 182 -22.91 30.36 38.47
CB TPO B 182 -23.89 30.16 37.30
CG2 TPO B 182 -23.35 30.76 35.99
OG1 TPO B 182 -24.11 28.74 37.14
P TPO B 182 -25.58 28.35 36.61
O1P TPO B 182 -25.88 29.12 35.36
O2P TPO B 182 -25.54 26.86 36.35
O3P TPO B 182 -26.53 28.77 37.72
C TPO B 182 -22.38 31.78 38.50
O TPO B 182 -23.10 32.70 38.86
N VAL B 183 -21.14 31.93 38.04
CA VAL B 183 -20.41 33.20 38.07
C VAL B 183 -20.65 33.91 36.74
N MET B 184 -20.21 35.16 36.64
CA MET B 184 -20.10 35.87 35.35
C MET B 184 -18.67 36.42 35.23
N TPO B 185 -18.32 36.92 34.04
CA TPO B 185 -16.98 37.46 33.78
CB TPO B 185 -16.01 36.31 33.42
CG2 TPO B 185 -16.43 35.50 32.19
OG1 TPO B 185 -14.68 36.82 33.18
P TPO B 185 -13.61 36.73 34.38
O1P TPO B 185 -12.80 38.00 34.31
O2P TPO B 185 -12.69 35.57 34.09
O3P TPO B 185 -14.28 36.52 35.72
C TPO B 185 -17.02 38.51 32.71
O TPO B 185 -17.98 38.58 31.93
N SEP B 186 -15.98 39.35 32.69
CA SEP B 186 -15.78 40.39 31.68
CB SEP B 186 -15.08 41.62 32.26
OG SEP B 186 -15.06 41.55 33.69
C SEP B 186 -14.96 39.86 30.53
O SEP B 186 -15.26 40.14 29.37
P SEP B 186 -14.30 42.63 34.59
O1P SEP B 186 -12.85 42.49 34.19
O2P SEP B 186 -14.60 42.20 36.00
O3P SEP B 186 -14.97 43.91 34.16
N ARG B 187 -13.90 39.12 30.86
CA ARG B 187 -13.06 38.45 29.87
C ARG B 187 -13.71 37.11 29.46
N ILE B 188 -14.49 37.16 28.38
CA ILE B 188 -15.10 35.97 27.79
C ILE B 188 -14.00 35.28 26.98
N VAL B 189 -13.65 34.05 27.37
CA VAL B 189 -12.60 33.26 26.69
C VAL B 189 -13.08 31.88 26.28
N GLY B 190 -12.42 31.33 25.24
CA GLY B 190 -12.75 30.03 24.67
C GLY B 190 -12.71 30.02 23.16
N THR B 191 -13.30 28.97 22.58
CA THR B 191 -13.32 28.79 21.13
C THR B 191 -14.77 28.81 20.66
N THR B 192 -15.07 29.86 19.90
CA THR B 192 -16.43 30.27 19.51
C THR B 192 -17.29 29.14 19.00
N ALA B 193 -16.71 28.34 18.09
CA ALA B 193 -17.46 27.29 17.41
C ALA B 193 -17.85 26.14 18.33
N TYR B 194 -17.21 26.04 19.50
CA TYR B 194 -17.51 25.03 20.49
C TYR B 194 -18.30 25.55 21.68
N MET B 195 -18.54 26.85 21.74
CA MET B 195 -19.02 27.47 22.99
C MET B 195 -20.53 27.46 23.09
N ALA B 196 -21.00 27.17 24.30
CA ALA B 196 -22.41 27.35 24.64
C ALA B 196 -22.85 28.82 24.59
N PRO B 197 -24.15 29.07 24.32
CA PRO B 197 -24.66 30.45 24.28
C PRO B 197 -24.35 31.21 25.57
N GLU B 198 -24.62 30.59 26.73
CA GLU B 198 -24.35 31.26 27.98
C GLU B 198 -22.87 31.61 28.15
N ALA B 199 -21.97 30.72 27.75
CA ALA B 199 -20.54 31.00 27.87
C ALA B 199 -20.14 32.16 26.97
N LEU B 200 -20.78 32.25 25.81
CA LEU B 200 -20.53 33.38 24.91
C LEU B 200 -20.97 34.73 25.50
N ARG B 201 -21.91 34.68 26.45
CA ARG B 201 -22.38 35.85 27.18
C ARG B 201 -21.70 36.08 28.54
N GLY B 202 -20.66 35.30 28.86
CA GLY B 202 -19.89 35.50 30.10
C GLY B 202 -20.24 34.65 31.31
N GLU B 203 -21.27 33.81 31.25
CA GLU B 203 -21.49 32.86 32.34
C GLU B 203 -20.36 31.84 32.40
N ILE B 204 -20.10 31.34 33.61
CA ILE B 204 -19.07 30.33 33.84
C ILE B 204 -19.73 29.21 34.64
N THR B 205 -19.99 28.10 33.95
CA THR B 205 -20.64 26.96 34.55
C THR B 205 -20.08 25.70 33.89
N PRO B 206 -20.04 24.57 34.65
CA PRO B 206 -19.68 23.31 34.04
C PRO B 206 -20.62 22.84 32.92
N LYS B 207 -21.82 23.40 32.87
CA LYS B 207 -22.78 23.04 31.84
C LYS B 207 -22.31 23.49 30.46
N SER B 208 -21.48 24.53 30.40
CA SER B 208 -20.85 24.95 29.16
C SER B 208 -19.88 23.90 28.62
N ASP B 209 -19.18 23.20 29.51
CA ASP B 209 -18.28 22.09 29.14
C ASP B 209 -19.07 20.97 28.45
N ILE B 210 -20.26 20.68 28.96
CA ILE B 210 -21.12 19.65 28.39
C ILE B 210 -21.50 20.00 26.96
N TYR B 211 -21.88 21.25 26.73
CA TYR B 211 -22.24 21.72 25.40
C TYR B 211 -21.09 21.53 24.41
N SER B 212 -19.90 21.94 24.84
CA SER B 212 -18.69 21.84 24.02
C SER B 212 -18.35 20.37 23.74
N PHE B 213 -18.53 19.51 24.72
CA PHE B 213 -18.35 18.09 24.49
C PHE B 213 -19.30 17.55 23.41
N GLY B 214 -20.54 18.03 23.41
CA GLY B 214 -21.51 17.69 22.39
C GLY B 214 -21.04 18.00 20.98
N VAL B 215 -20.37 19.14 20.83
CA VAL B 215 -19.74 19.52 19.56
C VAL B 215 -18.61 18.57 19.21
N VAL B 216 -17.80 18.21 20.20
CA VAL B 216 -16.72 17.23 19.97
C VAL B 216 -17.31 15.90 19.49
N LEU B 217 -18.39 15.44 20.09
CA LEU B 217 -19.03 14.21 19.65
C LEU B 217 -19.52 14.28 18.21
N LEU B 218 -19.97 15.45 17.75
CA LEU B 218 -20.33 15.64 16.33
C LEU B 218 -19.10 15.60 15.42
N GLU B 219 -17.98 16.17 15.87
CA GLU B 219 -16.72 16.02 15.10
C GLU B 219 -16.31 14.55 14.95
N ILE B 220 -16.47 13.78 16.03
CA ILE B 220 -16.13 12.37 16.05
C ILE B 220 -17.00 11.58 15.05
N ILE B 221 -18.30 11.87 15.02
CA ILE B 221 -19.23 11.18 14.11
C ILE B 221 -19.02 11.59 12.65
N THR B 222 -18.82 12.88 12.40
CA THR B 222 -18.80 13.39 11.02
C THR B 222 -17.41 13.50 10.43
N GLY B 223 -16.39 13.60 11.30
CA GLY B 223 -15.04 13.99 10.87
C GLY B 223 -14.90 15.41 10.37
N LEU B 224 -15.92 16.25 10.57
CA LEU B 224 -15.92 17.61 10.08
C LEU B 224 -15.41 18.52 11.20
N PRO B 225 -14.62 19.55 10.86
CA PRO B 225 -14.28 20.52 11.92
C PRO B 225 -15.49 21.37 12.39
N ALA B 226 -15.45 21.85 13.64
CA ALA B 226 -16.56 22.62 14.23
C ALA B 226 -16.94 23.84 13.41
N VAL B 227 -15.94 24.43 12.79
CA VAL B 227 -16.16 25.55 11.89
C VAL B 227 -15.29 25.37 10.63
N ASP B 228 -15.92 25.57 9.48
CA ASP B 228 -15.23 25.64 8.19
C ASP B 228 -15.82 26.83 7.44
N GLU B 229 -14.97 27.82 7.16
CA GLU B 229 -15.37 29.02 6.40
C GLU B 229 -15.87 28.68 4.98
N HIS B 230 -15.29 27.65 4.37
CA HIS B 230 -15.69 27.18 3.04
C HIS B 230 -16.75 26.06 3.11
N ARG B 231 -17.84 26.25 3.89
CA ARG B 231 -18.85 25.19 4.08
C ARG B 231 -20.25 25.72 4.33
N GLU B 232 -21.27 24.86 4.20
CA GLU B 232 -22.65 25.13 4.59
C GLU B 232 -23.16 23.88 5.30
N PRO B 233 -23.64 23.98 6.56
CA PRO B 233 -23.46 25.15 7.42
C PRO B 233 -22.01 25.30 7.81
N GLN B 234 -21.58 26.52 8.10
CA GLN B 234 -20.19 26.76 8.49
C GLN B 234 -19.93 26.27 9.91
N LEU B 235 -20.97 26.20 10.74
CA LEU B 235 -20.86 25.74 12.11
C LEU B 235 -21.48 24.37 12.24
N LEU B 236 -20.69 23.43 12.72
CA LEU B 236 -21.09 22.04 12.80
C LEU B 236 -22.34 21.84 13.66
N LEU B 237 -22.46 22.61 14.75
CA LEU B 237 -23.66 22.62 15.61
C LEU B 237 -24.96 22.67 14.84
N ASP B 238 -24.96 23.45 13.76
CA ASP B 238 -26.15 23.67 12.95
C ASP B 238 -26.77 22.39 12.39
N ILE B 239 -25.95 21.36 12.14
CA ILE B 239 -26.49 20.09 11.61
C ILE B 239 -27.55 19.49 12.55
N LYS B 240 -27.48 19.82 13.84
CA LYS B 240 -28.55 19.43 14.75
C LYS B 240 -29.92 19.92 14.27
N GLU B 241 -29.95 21.15 13.77
CA GLU B 241 -31.18 21.76 13.27
C GLU B 241 -31.63 21.06 12.02
N GLU B 242 -30.70 20.93 11.06
CA GLU B 242 -30.96 20.26 9.77
C GLU B 242 -31.49 18.84 9.95
N ILE B 243 -31.02 18.15 10.97
CA ILE B 243 -31.49 16.81 11.29
C ILE B 243 -32.87 16.81 11.96
N GLU B 244 -33.09 17.72 12.91
CA GLU B 244 -34.40 17.79 13.61
C GLU B 244 -35.57 18.21 12.70
N ASP B 245 -35.27 19.06 11.71
CA ASP B 245 -36.24 19.45 10.67
C ASP B 245 -36.22 18.49 9.45
N GLU B 246 -35.77 17.24 9.66
CA GLU B 246 -35.94 16.07 8.75
C GLU B 246 -35.62 16.23 7.26
N GLU B 247 -34.79 17.22 6.92
CA GLU B 247 -34.25 17.36 5.57
C GLU B 247 -33.18 16.30 5.39
N LYS B 248 -32.30 16.20 6.39
CA LYS B 248 -31.24 15.20 6.46
C LYS B 248 -31.42 14.31 7.70
N THR B 249 -30.58 13.30 7.79
CA THR B 249 -30.49 12.42 8.96
C THR B 249 -29.00 12.28 9.36
N ILE B 250 -28.74 11.74 10.54
CA ILE B 250 -27.36 11.60 11.01
C ILE B 250 -26.56 10.66 10.13
N GLU B 251 -27.22 9.56 9.71
CA GLU B 251 -26.68 8.66 8.67
C GLU B 251 -26.02 9.42 7.51
N ASP B 252 -26.62 10.53 7.09
CA ASP B 252 -26.11 11.31 5.96
C ASP B 252 -24.83 12.05 6.27
N TYR B 253 -24.56 12.30 7.56
CA TYR B 253 -23.37 13.04 7.97
C TYR B 253 -22.21 12.18 8.45
N ILE B 254 -22.43 10.87 8.63
CA ILE B 254 -21.39 9.95 9.10
C ILE B 254 -20.13 10.12 8.27
N ASP B 255 -19.00 10.22 8.95
CA ASP B 255 -17.69 10.34 8.30
C ASP B 255 -17.57 9.15 7.34
N LYS B 256 -17.32 9.46 6.08
CA LYS B 256 -17.18 8.44 5.04
C LYS B 256 -15.81 7.75 5.06
N LYS B 257 -14.88 8.23 5.89
CA LYS B 257 -13.57 7.59 6.07
C LYS B 257 -13.55 6.43 7.10
N MET B 258 -14.72 5.87 7.40
CA MET B 258 -14.87 4.75 8.31
C MET B 258 -15.49 3.59 7.54
N ASN B 259 -15.04 2.37 7.83
CA ASN B 259 -15.70 1.13 7.32
C ASN B 259 -16.59 0.43 8.36
N ASP B 260 -16.42 0.76 9.64
CA ASP B 260 -16.95 -0.05 10.76
C ASP B 260 -17.98 0.66 11.63
N ALA B 261 -18.67 1.67 11.09
CA ALA B 261 -19.66 2.42 11.88
C ALA B 261 -21.05 1.89 11.61
N ASP B 262 -21.66 1.23 12.60
CA ASP B 262 -23.07 0.83 12.47
C ASP B 262 -23.99 1.94 12.92
N SER B 263 -25.15 2.00 12.27
CA SER B 263 -26.20 2.99 12.49
C SER B 263 -26.64 3.12 13.93
N THR B 264 -26.86 1.99 14.56
CA THR B 264 -27.41 1.98 15.90
C THR B 264 -26.47 2.70 16.86
N SER B 265 -25.18 2.37 16.82
CA SER B 265 -24.20 2.99 17.73
C SER B 265 -23.96 4.47 17.38
N VAL B 266 -23.91 4.81 16.10
CA VAL B 266 -23.78 6.20 15.70
C VAL B 266 -24.96 7.03 16.16
N GLU B 267 -26.18 6.53 15.97
CA GLU B 267 -27.39 7.21 16.43
C GLU B 267 -27.41 7.36 17.96
N ALA B 268 -26.90 6.36 18.67
CA ALA B 268 -26.78 6.47 20.12
C ALA B 268 -25.79 7.57 20.54
N MET B 269 -24.63 7.69 19.89
CA MET B 269 -23.69 8.79 20.17
C MET B 269 -24.30 10.14 19.81
N TYR B 270 -25.00 10.19 18.67
CA TYR B 270 -25.71 11.39 18.26
C TYR B 270 -26.77 11.81 19.28
N SER B 271 -27.52 10.85 19.81
CA SER B 271 -28.52 11.12 20.84
C SER B 271 -27.89 11.82 22.03
N VAL B 272 -26.70 11.37 22.43
CA VAL B 272 -25.96 12.00 23.53
C VAL B 272 -25.52 13.41 23.14
N ALA B 273 -25.00 13.57 21.92
CA ALA B 273 -24.56 14.89 21.46
C ALA B 273 -25.70 15.89 21.39
N SER B 274 -26.85 15.44 20.88
CA SER B 274 -28.07 16.25 20.79
C SER B 274 -28.50 16.78 22.16
N GLN B 275 -28.55 15.89 23.14
CA GLN B 275 -28.84 16.27 24.54
C GLN B 275 -27.83 17.24 25.12
N CYS B 276 -26.54 17.02 24.83
CA CYS B 276 -25.46 17.92 25.26
C CYS B 276 -25.61 19.29 24.65
N LEU B 277 -26.12 19.34 23.43
CA LEU B 277 -26.30 20.60 22.69
C LEU B 277 -27.65 21.31 22.91
N HIS B 278 -28.39 20.94 23.96
CA HIS B 278 -29.62 21.64 24.33
C HIS B 278 -29.26 23.11 24.63
N GLU B 279 -30.05 24.03 24.10
CA GLU B 279 -29.70 25.47 24.20
C GLU B 279 -29.98 26.02 25.59
N LYS B 280 -30.94 25.43 26.30
CA LYS B 280 -31.20 25.72 27.71
C LYS B 280 -30.23 24.93 28.60
N LYS B 281 -29.21 25.59 29.13
CA LYS B 281 -28.20 24.96 29.99
C LYS B 281 -28.73 23.95 31.01
N ASN B 282 -29.89 24.22 31.58
CA ASN B 282 -30.45 23.40 32.66
C ASN B 282 -31.03 22.06 32.20
N LYS B 283 -31.36 21.95 30.92
CA LYS B 283 -31.90 20.72 30.35
C LYS B 283 -30.80 19.75 29.86
N ARG B 284 -29.56 20.23 29.76
CA ARG B 284 -28.44 19.39 29.38
C ARG B 284 -28.17 18.37 30.46
N PRO B 285 -27.73 17.17 30.06
CA PRO B 285 -27.31 16.21 31.07
C PRO B 285 -26.00 16.63 31.70
N ASP B 286 -25.80 16.22 32.95
CA ASP B 286 -24.53 16.41 33.63
C ASP B 286 -23.55 15.36 33.11
N ILE B 287 -22.26 15.56 33.38
CA ILE B 287 -21.23 14.69 32.80
C ILE B 287 -21.42 13.22 33.16
N LYS B 288 -21.87 12.94 34.38
CA LYS B 288 -22.11 11.55 34.81
C LYS B 288 -23.11 10.84 33.92
N LYS B 289 -24.17 11.54 33.56
CA LYS B 289 -25.18 10.97 32.67
C LYS B 289 -24.55 10.72 31.30
N VAL B 290 -23.64 11.60 30.87
CA VAL B 290 -22.97 11.45 29.58
C VAL B 290 -22.10 10.18 29.54
N GLN B 291 -21.27 9.98 30.57
CA GLN B 291 -20.52 8.72 30.73
C GLN B 291 -21.41 7.49 30.59
N GLN B 292 -22.49 7.45 31.38
CA GLN B 292 -23.42 6.32 31.42
C GLN B 292 -23.99 6.03 30.06
N LEU B 293 -24.47 7.08 29.40
CA LEU B 293 -25.02 6.95 28.06
C LEU B 293 -23.99 6.45 27.06
N LEU B 294 -22.74 6.93 27.19
CA LEU B 294 -21.65 6.47 26.31
C LEU B 294 -21.21 5.03 26.61
N GLN B 295 -21.33 4.61 27.87
CA GLN B 295 -21.11 3.19 28.23
C GLN B 295 -22.17 2.29 27.63
N GLU B 296 -23.43 2.67 27.77
CA GLU B 296 -24.58 1.91 27.23
C GLU B 296 -24.49 1.72 25.70
N MET B 297 -23.94 2.71 25.03
CA MET B 297 -23.69 2.69 23.57
C MET B 297 -22.86 1.49 23.11
N THR B 298 -21.89 1.07 23.93
CA THR B 298 -21.10 -0.15 23.67
C THR B 298 -21.65 -1.32 24.51
N ALA B 299 -22.93 -1.66 24.30
CA ALA B 299 -23.62 -2.73 25.06
N ARG C 4 -8.57 -11.03 -29.34
CA ARG C 4 -9.97 -11.41 -29.08
C ARG C 4 -10.29 -11.72 -27.63
N PHE C 5 -11.55 -11.53 -27.27
CA PHE C 5 -12.04 -11.55 -25.89
C PHE C 5 -12.89 -12.80 -25.70
N HIS C 6 -13.00 -13.28 -24.47
CA HIS C 6 -13.94 -14.36 -24.12
C HIS C 6 -15.40 -13.89 -24.29
N SER C 7 -16.21 -14.68 -25.00
CA SER C 7 -17.61 -14.36 -25.19
C SER C 7 -18.40 -15.11 -24.12
N PHE C 8 -19.05 -14.35 -23.22
CA PHE C 8 -19.86 -14.92 -22.15
C PHE C 8 -21.35 -14.91 -22.52
N SER C 9 -22.07 -15.91 -22.02
CA SER C 9 -23.51 -15.84 -21.96
C SER C 9 -23.90 -15.07 -20.71
N PHE C 10 -25.04 -14.40 -20.79
CA PHE C 10 -25.63 -13.64 -19.68
C PHE C 10 -25.76 -14.46 -18.39
N TYR C 11 -26.08 -15.73 -18.53
CA TYR C 11 -26.41 -16.58 -17.41
C TYR C 11 -25.13 -16.95 -16.62
N GLU C 12 -23.99 -17.01 -17.31
CA GLU C 12 -22.70 -17.19 -16.62
C GLU C 12 -22.38 -15.97 -15.75
N LEU C 13 -22.61 -14.78 -16.29
CA LEU C 13 -22.35 -13.54 -15.57
C LEU C 13 -23.30 -13.32 -14.41
N LYS C 14 -24.56 -13.67 -14.64
CA LYS C 14 -25.58 -13.66 -13.58
C LYS C 14 -25.16 -14.60 -12.44
N ASN C 15 -24.76 -15.81 -12.79
CA ASN C 15 -24.25 -16.77 -11.81
C ASN C 15 -23.11 -16.19 -10.98
N VAL C 16 -22.08 -15.72 -11.67
CA VAL C 16 -20.82 -15.21 -11.06
C VAL C 16 -20.91 -13.93 -10.23
N THR C 17 -21.94 -13.12 -10.49
CA THR C 17 -22.22 -11.91 -9.68
C THR C 17 -23.35 -12.10 -8.66
N ASN C 18 -23.71 -13.37 -8.35
CA ASN C 18 -24.81 -13.70 -7.42
C ASN C 18 -26.15 -13.01 -7.82
N ASN C 19 -26.53 -13.25 -9.07
CA ASN C 19 -27.72 -12.66 -9.69
C ASN C 19 -27.70 -11.12 -9.68
N PHE C 20 -26.53 -10.54 -9.94
CA PHE C 20 -26.31 -9.09 -9.94
C PHE C 20 -26.82 -8.41 -8.67
N ASP C 21 -26.33 -8.92 -7.54
CA ASP C 21 -26.73 -8.44 -6.21
C ASP C 21 -26.34 -6.96 -6.02
N GLU C 22 -27.35 -6.09 -5.97
CA GLU C 22 -27.12 -4.63 -5.91
C GLU C 22 -26.80 -4.06 -4.52
N ARG C 23 -26.57 -4.90 -3.52
CA ARG C 23 -26.14 -4.42 -2.20
C ARG C 23 -24.64 -4.24 -2.22
N PRO C 24 -24.09 -3.30 -1.41
CA PRO C 24 -22.63 -3.12 -1.38
C PRO C 24 -21.88 -4.37 -0.87
N GLY C 29 -23.07 -7.91 -0.43
CA GLY C 29 -23.53 -7.85 -1.81
C GLY C 29 -22.43 -7.91 -2.87
N ASN C 30 -22.79 -7.51 -4.10
CA ASN C 30 -21.85 -7.55 -5.24
C ASN C 30 -21.58 -6.21 -5.93
N LYS C 31 -22.34 -5.17 -5.61
CA LYS C 31 -22.20 -3.86 -6.26
C LYS C 31 -20.96 -3.15 -5.70
N MET C 32 -20.10 -2.68 -6.60
CA MET C 32 -18.93 -1.90 -6.21
C MET C 32 -19.09 -0.42 -6.48
N GLY C 33 -19.87 -0.07 -7.49
CA GLY C 33 -20.15 1.33 -7.78
C GLY C 33 -21.04 1.47 -9.02
N GLU C 34 -21.44 2.72 -9.25
CA GLU C 34 -22.16 3.09 -10.45
C GLU C 34 -21.09 3.64 -11.38
N GLY C 35 -21.14 3.25 -12.65
CA GLY C 35 -20.14 3.62 -13.64
C GLY C 35 -20.70 4.48 -14.75
N GLY C 36 -19.92 4.61 -15.83
CA GLY C 36 -20.37 5.29 -17.03
C GLY C 36 -21.49 4.51 -17.67
N PHE C 37 -22.73 4.93 -17.40
CA PHE C 37 -23.92 4.38 -18.05
C PHE C 37 -24.12 2.90 -17.71
N GLY C 38 -24.10 2.58 -16.42
CA GLY C 38 -24.24 1.22 -15.92
C GLY C 38 -23.74 1.05 -14.48
N VAL C 39 -23.97 -0.11 -13.91
CA VAL C 39 -23.55 -0.48 -12.56
C VAL C 39 -22.38 -1.47 -12.65
N VAL C 40 -21.48 -1.46 -11.66
CA VAL C 40 -20.28 -2.31 -11.70
C VAL C 40 -20.33 -3.26 -10.53
N TYR C 41 -20.37 -4.56 -10.83
CA TYR C 41 -20.42 -5.63 -9.83
C TYR C 41 -19.10 -6.39 -9.74
N LYS C 42 -18.86 -7.01 -8.60
CA LYS C 42 -17.74 -7.90 -8.38
C LYS C 42 -18.16 -9.29 -8.86
N GLY C 43 -17.19 -10.04 -9.39
CA GLY C 43 -17.40 -11.40 -9.83
C GLY C 43 -16.20 -12.28 -9.64
N TYR C 44 -16.43 -13.59 -9.54
CA TYR C 44 -15.38 -14.59 -9.45
C TYR C 44 -15.52 -15.62 -10.58
N VAL C 45 -14.62 -15.57 -11.56
CA VAL C 45 -14.48 -16.62 -12.57
C VAL C 45 -13.17 -17.40 -12.33
N ASN C 46 -13.30 -18.71 -12.08
CA ASN C 46 -12.22 -19.58 -11.63
C ASN C 46 -11.66 -19.05 -10.29
N ASN C 47 -10.35 -18.77 -10.20
CA ASN C 47 -9.78 -18.09 -9.03
C ASN C 47 -9.47 -16.62 -9.32
N THR C 48 -10.07 -16.06 -10.38
CA THR C 48 -9.87 -14.66 -10.79
C THR C 48 -11.06 -13.78 -10.36
N THR C 49 -10.79 -12.79 -9.51
CA THR C 49 -11.77 -11.75 -9.23
C THR C 49 -11.86 -10.88 -10.49
N VAL C 50 -13.08 -10.47 -10.82
CA VAL C 50 -13.32 -9.64 -12.00
C VAL C 50 -14.37 -8.58 -11.69
N ALA C 51 -14.48 -7.60 -12.57
CA ALA C 51 -15.43 -6.53 -12.47
C ALA C 51 -16.38 -6.66 -13.64
N VAL C 52 -17.69 -6.70 -13.38
CA VAL C 52 -18.70 -6.85 -14.42
C VAL C 52 -19.56 -5.59 -14.47
N LYS C 53 -19.55 -4.92 -15.62
CA LYS C 53 -20.36 -3.72 -15.83
C LYS C 53 -21.61 -4.10 -16.63
N LYS C 54 -22.77 -4.01 -15.98
CA LYS C 54 -24.07 -4.15 -16.63
C LYS C 54 -24.65 -2.77 -17.01
N LEU C 55 -24.88 -2.54 -18.30
CA LEU C 55 -25.29 -1.21 -18.81
C LEU C 55 -26.78 -0.92 -18.58
CA ILE C 61 -29.84 7.81 -22.98
C ILE C 61 -31.08 7.22 -23.66
N THR C 62 -30.85 6.25 -24.54
CA THR C 62 -31.91 5.50 -25.25
C THR C 62 -31.41 4.07 -25.60
N THR C 63 -32.26 3.23 -26.19
CA THR C 63 -31.86 1.86 -26.59
C THR C 63 -30.82 1.82 -27.74
N GLU C 64 -30.84 2.83 -28.61
CA GLU C 64 -29.86 2.95 -29.69
C GLU C 64 -28.46 3.30 -29.17
N GLU C 65 -28.41 4.25 -28.22
CA GLU C 65 -27.17 4.82 -27.71
C GLU C 65 -26.32 3.90 -26.82
N LEU C 66 -26.97 3.17 -25.92
CA LEU C 66 -26.26 2.27 -24.98
C LEU C 66 -25.59 1.13 -25.74
N LYS C 67 -26.35 0.50 -26.62
CA LYS C 67 -25.83 -0.52 -27.55
C LYS C 67 -24.73 0.00 -28.48
N GLN C 68 -24.73 1.32 -28.75
CA GLN C 68 -23.68 1.96 -29.54
C GLN C 68 -22.39 2.20 -28.72
N GLN C 69 -22.54 2.59 -27.46
CA GLN C 69 -21.39 2.72 -26.52
C GLN C 69 -20.87 1.39 -25.98
N PHE C 70 -21.64 0.31 -26.20
CA PHE C 70 -21.18 -1.05 -25.96
C PHE C 70 -20.11 -1.42 -26.98
N ASP C 71 -20.45 -1.26 -28.26
CA ASP C 71 -19.54 -1.65 -29.35
C ASP C 71 -18.32 -0.74 -29.42
N GLN C 72 -18.52 0.54 -29.09
CA GLN C 72 -17.44 1.51 -29.01
C GLN C 72 -16.37 1.05 -28.03
N GLU C 73 -16.81 0.75 -26.80
CA GLU C 73 -15.94 0.26 -25.72
C GLU C 73 -15.17 -1.00 -26.12
N ILE C 74 -15.87 -2.00 -26.69
CA ILE C 74 -15.21 -3.23 -27.13
C ILE C 74 -14.20 -2.91 -28.23
N LYS C 75 -14.58 -2.07 -29.18
CA LYS C 75 -13.70 -1.71 -30.32
C LYS C 75 -12.46 -0.96 -29.85
N VAL C 76 -12.64 0.01 -28.95
CA VAL C 76 -11.52 0.77 -28.40
C VAL C 76 -10.60 -0.13 -27.57
N MET C 77 -11.18 -0.99 -26.74
CA MET C 77 -10.41 -1.92 -25.90
C MET C 77 -9.72 -3.03 -26.70
N ALA C 78 -10.29 -3.40 -27.83
CA ALA C 78 -9.65 -4.31 -28.76
C ALA C 78 -8.39 -3.70 -29.32
N LYS C 79 -8.47 -2.42 -29.67
CA LYS C 79 -7.33 -1.70 -30.22
C LYS C 79 -6.33 -1.32 -29.12
N CYS C 80 -6.83 -0.87 -27.96
CA CYS C 80 -6.02 -0.25 -26.94
C CYS C 80 -5.70 -1.12 -25.73
N GLN C 81 -4.52 -1.77 -25.76
CA GLN C 81 -4.03 -2.57 -24.63
C GLN C 81 -2.70 -2.00 -24.13
N HIS C 82 -2.69 -1.63 -22.85
CA HIS C 82 -1.55 -0.96 -22.25
C HIS C 82 -1.65 -1.16 -20.76
N GLU C 83 -0.51 -1.16 -20.07
CA GLU C 83 -0.53 -1.43 -18.62
C GLU C 83 -1.23 -0.36 -17.80
N ASN C 84 -1.36 0.86 -18.34
CA ASN C 84 -2.08 1.92 -17.67
C ASN C 84 -3.49 2.12 -18.21
N LEU C 85 -4.07 1.08 -18.82
CA LEU C 85 -5.49 1.06 -19.15
C LEU C 85 -6.12 -0.20 -18.57
N VAL C 86 -7.34 -0.08 -18.04
CA VAL C 86 -8.05 -1.27 -17.53
C VAL C 86 -8.24 -2.23 -18.68
N GLU C 87 -8.05 -3.51 -18.41
CA GLU C 87 -8.13 -4.54 -19.44
C GLU C 87 -9.53 -5.11 -19.51
N LEU C 88 -10.03 -5.25 -20.74
CA LEU C 88 -11.29 -5.94 -20.99
C LEU C 88 -10.97 -7.44 -21.11
N LEU C 89 -11.68 -8.24 -20.30
CA LEU C 89 -11.60 -9.69 -20.39
C LEU C 89 -12.68 -10.20 -21.33
N GLY C 90 -13.87 -9.64 -21.27
CA GLY C 90 -14.94 -10.12 -22.14
C GLY C 90 -16.22 -9.35 -22.08
N PHE C 91 -17.21 -9.88 -22.78
CA PHE C 91 -18.50 -9.24 -22.93
C PHE C 91 -19.63 -10.27 -23.07
N SER C 92 -20.85 -9.77 -23.08
CA SER C 92 -22.04 -10.59 -23.27
C SER C 92 -23.13 -9.73 -23.95
N SER C 93 -23.50 -10.11 -25.18
CA SER C 93 -24.52 -9.43 -25.98
C SER C 93 -25.89 -10.13 -25.99
N ASP C 94 -25.93 -11.39 -25.55
CA ASP C 94 -27.24 -12.08 -25.35
C ASP C 94 -27.79 -11.61 -23.97
N GLY C 95 -28.76 -12.33 -23.39
CA GLY C 95 -29.47 -11.89 -22.23
C GLY C 95 -30.27 -10.62 -22.32
N ASP C 96 -30.84 -10.21 -21.19
CA ASP C 96 -31.62 -8.96 -21.11
C ASP C 96 -30.68 -7.75 -21.29
N ASP C 97 -29.67 -7.66 -20.42
CA ASP C 97 -28.73 -6.54 -20.41
C ASP C 97 -27.40 -6.84 -21.11
N LEU C 98 -26.71 -5.77 -21.48
CA LEU C 98 -25.37 -5.85 -22.06
C LEU C 98 -24.30 -5.75 -20.98
N CYS C 99 -23.38 -6.74 -20.94
CA CYS C 99 -22.34 -6.77 -19.90
C CYS C 99 -20.91 -6.67 -20.45
N LEU C 100 -20.06 -5.92 -19.73
CA LEU C 100 -18.62 -5.85 -20.04
C LEU C 100 -17.87 -6.36 -18.80
N VAL C 101 -16.84 -7.19 -19.02
CA VAL C 101 -16.10 -7.81 -17.92
C VAL C 101 -14.62 -7.41 -17.96
N TYR C 102 -14.12 -6.98 -16.82
CA TYR C 102 -12.80 -6.35 -16.70
C TYR C 102 -11.97 -6.96 -15.61
N VAL C 103 -10.66 -6.77 -15.72
CA VAL C 103 -9.74 -7.13 -14.67
C VAL C 103 -10.10 -6.30 -13.41
N TYR C 104 -10.18 -6.95 -12.27
CA TYR C 104 -10.53 -6.33 -11.01
C TYR C 104 -9.42 -5.41 -10.48
N MET C 105 -9.82 -4.23 -10.01
CA MET C 105 -8.89 -3.22 -9.51
C MET C 105 -9.05 -3.12 -8.02
N PRO C 106 -8.25 -3.86 -7.27
CA PRO C 106 -8.49 -3.96 -5.82
C PRO C 106 -8.34 -2.65 -4.99
N ASN C 107 -7.75 -1.60 -5.52
CA ASN C 107 -7.74 -0.31 -4.81
C ASN C 107 -8.72 0.75 -5.32
N GLY C 108 -9.66 0.33 -6.15
CA GLY C 108 -10.71 1.23 -6.61
C GLY C 108 -10.23 2.45 -7.38
N SER C 109 -10.92 3.57 -7.21
CA SER C 109 -10.65 4.78 -7.97
C SER C 109 -9.73 5.69 -7.21
N LEU C 110 -8.99 6.50 -7.95
CA LEU C 110 -8.17 7.58 -7.37
C LEU C 110 -9.00 8.57 -6.57
N LEU C 111 -10.21 8.87 -7.03
CA LEU C 111 -11.07 9.81 -6.32
C LEU C 111 -11.26 9.27 -4.90
N ASP C 112 -11.69 8.02 -4.81
CA ASP C 112 -11.98 7.41 -3.50
C ASP C 112 -10.73 7.32 -2.59
N ARG C 113 -9.55 7.08 -3.16
CA ARG C 113 -8.33 7.03 -2.36
C ARG C 113 -7.86 8.42 -1.98
N LEU C 114 -8.15 9.41 -2.83
CA LEU C 114 -7.84 10.78 -2.47
C LEU C 114 -8.70 11.24 -1.27
N SER C 115 -9.92 10.75 -1.19
CA SER C 115 -10.82 11.09 -0.09
C SER C 115 -10.75 10.10 1.09
N CYS C 116 -9.89 9.07 0.99
CA CYS C 116 -9.70 8.05 2.04
C CYS C 116 -11.00 7.35 2.40
N LEU C 117 -11.81 7.08 1.39
CA LEU C 117 -13.12 6.48 1.56
C LEU C 117 -12.98 5.07 2.15
N ASP C 118 -13.92 4.70 3.02
CA ASP C 118 -13.90 3.39 3.70
C ASP C 118 -12.62 3.10 4.53
N GLY C 119 -11.99 4.16 5.01
CA GLY C 119 -10.89 4.04 5.95
C GLY C 119 -9.53 3.75 5.40
N THR C 120 -9.34 3.91 4.09
CA THR C 120 -8.03 3.61 3.51
C THR C 120 -7.08 4.78 3.84
N PRO C 121 -5.78 4.51 3.97
CA PRO C 121 -4.90 5.59 4.44
C PRO C 121 -4.56 6.52 3.29
N PRO C 122 -4.20 7.78 3.61
CA PRO C 122 -3.86 8.75 2.58
C PRO C 122 -2.70 8.35 1.72
N LEU C 123 -2.79 8.61 0.41
CA LEU C 123 -1.72 8.31 -0.50
C LEU C 123 -0.53 9.21 -0.22
N SER C 124 0.66 8.61 -0.16
CA SER C 124 1.89 9.38 0.01
C SER C 124 2.12 10.17 -1.25
N TRP C 125 2.91 11.23 -1.13
CA TRP C 125 3.39 11.96 -2.30
C TRP C 125 4.12 11.06 -3.29
N HIS C 126 4.88 10.11 -2.78
CA HIS C 126 5.59 9.18 -3.64
C HIS C 126 4.64 8.35 -4.52
N MET C 127 3.60 7.75 -3.93
CA MET C 127 2.59 7.06 -4.74
C MET C 127 1.88 8.03 -5.70
N ARG C 128 1.56 9.21 -5.22
CA ARG C 128 0.89 10.22 -6.05
C ARG C 128 1.65 10.52 -7.33
N CYS C 129 2.98 10.65 -7.19
CA CYS C 129 3.82 10.89 -8.37
C CYS C 129 3.75 9.71 -9.32
N LYS C 130 3.79 8.50 -8.79
CA LYS C 130 3.70 7.29 -9.63
C LYS C 130 2.35 7.21 -10.36
N ILE C 131 1.28 7.58 -9.66
CA ILE C 131 -0.06 7.53 -10.21
C ILE C 131 -0.24 8.56 -11.35
N ALA C 132 0.33 9.75 -11.13
CA ALA C 132 0.35 10.79 -12.15
C ALA C 132 1.09 10.36 -13.42
N GLN C 133 2.30 9.81 -13.24
CA GLN C 133 3.11 9.32 -14.38
C GLN C 133 2.37 8.21 -15.11
N GLY C 134 1.79 7.29 -14.35
CA GLY C 134 1.02 6.19 -14.91
C GLY C 134 -0.20 6.61 -15.70
N ALA C 135 -0.99 7.52 -15.15
CA ALA C 135 -2.18 8.01 -15.83
C ALA C 135 -1.81 8.70 -17.17
N ALA C 136 -0.68 9.42 -17.16
CA ALA C 136 -0.18 10.11 -18.36
C ALA C 136 0.33 9.15 -19.40
N ASN C 137 0.94 8.04 -18.99
CA ASN C 137 1.36 7.00 -19.94
C ASN C 137 0.12 6.43 -20.60
N GLY C 138 -0.97 6.27 -19.85
CA GLY C 138 -2.24 5.78 -20.39
C GLY C 138 -2.85 6.72 -21.41
N ILE C 139 -2.92 8.00 -21.06
CA ILE C 139 -3.48 9.01 -21.98
C ILE C 139 -2.60 9.08 -23.22
N ASN C 140 -1.26 9.06 -23.05
CA ASN C 140 -0.34 9.06 -24.19
C ASN C 140 -0.58 7.91 -25.15
N PHE C 141 -0.79 6.72 -24.61
CA PHE C 141 -1.13 5.59 -25.45
C PHE C 141 -2.43 5.77 -26.23
N LEU C 142 -3.43 6.35 -25.58
CA LEU C 142 -4.71 6.62 -26.26
C LEU C 142 -4.54 7.63 -27.43
N HIS C 143 -3.79 8.70 -27.18
CA HIS C 143 -3.59 9.76 -28.17
C HIS C 143 -2.70 9.29 -29.32
N GLU C 144 -1.57 8.64 -29.02
CA GLU C 144 -0.74 7.97 -30.05
C GLU C 144 -1.58 7.05 -30.97
N ASN C 145 -2.57 6.39 -30.41
CA ASN C 145 -3.48 5.54 -31.18
C ASN C 145 -4.76 6.26 -31.62
N HIS C 146 -4.69 7.59 -31.67
CA HIS C 146 -5.74 8.42 -32.23
C HIS C 146 -7.11 8.23 -31.57
N HIS C 147 -7.11 8.12 -30.24
CA HIS C 147 -8.33 8.05 -29.46
C HIS C 147 -8.38 9.22 -28.48
N ILE C 148 -9.56 9.78 -28.30
CA ILE C 148 -9.82 10.85 -27.34
C ILE C 148 -10.72 10.25 -26.28
N HIS C 149 -10.37 10.40 -25.01
CA HIS C 149 -11.13 9.78 -23.92
C HIS C 149 -12.44 10.51 -23.69
N ARG C 150 -12.37 11.84 -23.51
CA ARG C 150 -13.55 12.74 -23.26
C ARG C 150 -14.14 12.75 -21.84
N ASP C 151 -13.59 11.97 -20.91
CA ASP C 151 -14.08 11.92 -19.53
C ASP C 151 -12.95 11.51 -18.56
N ILE C 152 -11.79 12.13 -18.76
CA ILE C 152 -10.65 12.02 -17.86
C ILE C 152 -11.02 12.73 -16.56
N LYS C 153 -10.92 11.96 -15.47
CA LYS C 153 -11.19 12.44 -14.12
C LYS C 153 -10.75 11.38 -13.14
N SER C 154 -10.64 11.77 -11.88
CA SER C 154 -10.14 10.86 -10.87
C SER C 154 -11.03 9.63 -10.64
N ALA C 155 -12.35 9.75 -10.86
CA ALA C 155 -13.21 8.56 -10.74
C ALA C 155 -12.98 7.53 -11.84
N ASN C 156 -12.34 7.94 -12.94
CA ASN C 156 -11.99 7.04 -14.05
C ASN C 156 -10.50 6.68 -14.11
N ILE C 157 -9.76 6.92 -13.04
CA ILE C 157 -8.39 6.40 -12.92
C ILE C 157 -8.44 5.36 -11.82
N LEU C 158 -8.35 4.09 -12.19
CA LEU C 158 -8.44 3.01 -11.21
C LEU C 158 -7.05 2.58 -10.77
N LEU C 159 -7.00 1.94 -9.63
CA LEU C 159 -5.75 1.60 -8.98
C LEU C 159 -5.74 0.08 -8.70
N ASP C 160 -4.68 -0.59 -9.14
CA ASP C 160 -4.55 -2.03 -8.94
C ASP C 160 -3.88 -2.33 -7.60
N GLU C 161 -3.59 -3.61 -7.37
CA GLU C 161 -2.92 -4.08 -6.16
C GLU C 161 -1.63 -3.31 -5.83
N ALA C 162 -0.91 -2.80 -6.85
CA ALA C 162 0.33 -2.04 -6.63
C ALA C 162 0.19 -0.52 -6.79
N PHE C 163 -1.05 -0.05 -6.81
CA PHE C 163 -1.37 1.37 -7.07
C PHE C 163 -0.89 1.85 -8.43
N THR C 164 -0.87 0.93 -9.40
CA THR C 164 -0.67 1.31 -10.79
C THR C 164 -1.95 1.95 -11.33
N ALA C 165 -1.82 3.13 -11.95
CA ALA C 165 -2.95 3.86 -12.49
C ALA C 165 -3.46 3.19 -13.74
N LYS C 166 -4.78 3.04 -13.82
CA LYS C 166 -5.43 2.43 -14.99
C LYS C 166 -6.58 3.33 -15.44
N ILE C 167 -6.45 3.92 -16.62
CA ILE C 167 -7.56 4.70 -17.16
C ILE C 167 -8.70 3.71 -17.50
N SER C 168 -9.93 4.09 -17.21
CA SER C 168 -11.09 3.27 -17.48
C SER C 168 -12.19 4.13 -18.08
N ASP C 169 -13.27 3.45 -18.46
CA ASP C 169 -14.45 4.01 -19.11
C ASP C 169 -14.18 4.72 -20.44
N PHE C 170 -14.14 3.92 -21.51
CA PHE C 170 -13.99 4.40 -22.89
C PHE C 170 -15.32 4.34 -23.68
N GLY C 171 -16.46 4.40 -22.98
CA GLY C 171 -17.77 4.47 -23.64
C GLY C 171 -17.96 5.72 -24.49
N LEU C 172 -17.41 6.83 -23.99
CA LEU C 172 -17.45 8.13 -24.67
C LEU C 172 -16.32 8.37 -25.66
N ALA C 173 -15.35 7.44 -25.78
CA ALA C 173 -14.16 7.69 -26.56
C ALA C 173 -14.43 7.82 -28.07
N ARG C 174 -13.53 8.52 -28.76
CA ARG C 174 -13.65 8.84 -30.21
C ARG C 174 -12.32 8.70 -30.95
N ALA C 175 -12.39 8.35 -32.25
CA ALA C 175 -11.21 8.34 -33.13
C ALA C 175 -10.87 9.75 -33.68
N SER C 176 -9.59 9.96 -34.05
CA SER C 176 -9.11 11.24 -34.62
C SER C 176 -8.85 11.15 -36.12
N TPO C 182 -10.31 19.31 -36.01
CA TPO C 182 -11.17 19.26 -34.83
CB TPO C 182 -10.89 20.43 -33.88
CG2 TPO C 182 -11.96 20.57 -32.80
OG1 TPO C 182 -9.60 20.27 -33.26
P TPO C 182 -8.80 21.68 -33.03
O1P TPO C 182 -8.34 22.22 -34.38
O2P TPO C 182 -7.55 21.39 -32.23
O3P TPO C 182 -9.70 22.70 -32.32
C TPO C 182 -12.61 19.24 -35.25
O TPO C 182 -13.05 20.07 -36.06
N VAL C 183 -13.37 18.33 -34.65
CA VAL C 183 -14.78 18.07 -34.99
C VAL C 183 -15.64 18.95 -34.06
N MET C 184 -16.94 18.97 -34.30
CA MET C 184 -17.93 19.51 -33.36
C MET C 184 -19.02 18.47 -33.13
N TPO C 185 -19.90 18.71 -32.16
CA TPO C 185 -20.98 17.77 -31.84
CB TPO C 185 -20.45 16.65 -30.90
CG2 TPO C 185 -19.87 17.17 -29.58
OG1 TPO C 185 -21.49 15.71 -30.59
P TPO C 185 -21.53 14.35 -31.49
O1P TPO C 185 -20.34 14.19 -32.43
O2P TPO C 185 -22.80 14.50 -32.32
O3P TPO C 185 -21.68 13.17 -30.58
C TPO C 185 -22.15 18.49 -31.23
O TPO C 185 -22.02 19.61 -30.73
N SEP C 186 -23.31 17.83 -31.29
CA SEP C 186 -24.56 18.31 -30.68
CB SEP C 186 -25.79 17.86 -31.50
OG SEP C 186 -25.38 17.39 -32.77
C SEP C 186 -24.71 17.77 -29.29
O SEP C 186 -25.12 18.51 -28.37
P SEP C 186 -26.39 17.29 -34.02
O1P SEP C 186 -25.52 16.80 -35.15
O2P SEP C 186 -26.94 18.68 -34.23
O3P SEP C 186 -27.38 16.29 -33.45
N ARG C 187 -24.39 16.49 -29.11
CA ARG C 187 -24.37 15.85 -27.79
C ARG C 187 -23.04 16.13 -27.09
N ILE C 188 -23.01 17.20 -26.29
CA ILE C 188 -21.86 17.55 -25.46
C ILE C 188 -21.92 16.61 -24.25
N VAL C 189 -20.89 15.78 -24.10
CA VAL C 189 -20.80 14.83 -22.96
C VAL C 189 -19.50 14.98 -22.16
N GLY C 190 -19.59 14.62 -20.88
CA GLY C 190 -18.46 14.64 -19.97
C GLY C 190 -18.83 15.09 -18.59
N THR C 191 -17.81 15.46 -17.83
CA THR C 191 -17.99 15.90 -16.44
C THR C 191 -17.54 17.35 -16.33
N THR C 192 -18.51 18.22 -16.05
CA THR C 192 -18.40 19.67 -16.13
C THR C 192 -17.17 20.25 -15.45
N ALA C 193 -16.93 19.78 -14.23
CA ALA C 193 -15.86 20.29 -13.39
C ALA C 193 -14.47 19.96 -13.91
N TYR C 194 -14.37 18.97 -14.80
CA TYR C 194 -13.13 18.56 -15.42
C TYR C 194 -12.96 19.02 -16.87
N MET C 195 -13.99 19.65 -17.43
CA MET C 195 -14.04 19.87 -18.88
C MET C 195 -13.38 21.18 -19.27
N ALA C 196 -12.65 21.12 -20.37
CA ALA C 196 -12.13 22.31 -21.04
C ALA C 196 -13.26 23.19 -21.61
N PRO C 197 -13.01 24.52 -21.70
CA PRO C 197 -14.02 25.42 -22.27
C PRO C 197 -14.48 24.98 -23.66
N GLU C 198 -13.54 24.64 -24.54
CA GLU C 198 -13.92 24.21 -25.87
C GLU C 198 -14.80 22.96 -25.85
N ALA C 199 -14.49 21.99 -24.99
CA ALA C 199 -15.31 20.78 -24.90
C ALA C 199 -16.73 21.11 -24.40
N LEU C 200 -16.82 22.09 -23.52
CA LEU C 200 -18.13 22.54 -23.05
C LEU C 200 -18.98 23.18 -24.17
N ARG C 201 -18.30 23.68 -25.20
CA ARG C 201 -18.95 24.22 -26.38
C ARG C 201 -19.11 23.25 -27.56
N GLY C 202 -18.78 21.97 -27.36
CA GLY C 202 -18.97 20.95 -28.40
C GLY C 202 -17.79 20.58 -29.27
N GLU C 203 -16.64 21.25 -29.13
CA GLU C 203 -15.44 20.79 -29.85
C GLU C 203 -15.00 19.42 -29.30
N ILE C 204 -14.38 18.64 -30.17
CA ILE C 204 -13.85 17.32 -29.83
C ILE C 204 -12.39 17.29 -30.29
N THR C 205 -11.50 17.37 -29.32
CA THR C 205 -10.08 17.36 -29.59
C THR C 205 -9.37 16.67 -28.42
N PRO C 206 -8.22 16.04 -28.68
CA PRO C 206 -7.40 15.49 -27.59
C PRO C 206 -6.89 16.55 -26.62
N LYS C 207 -6.90 17.81 -27.03
CA LYS C 207 -6.45 18.87 -26.15
C LYS C 207 -7.36 19.06 -24.94
N SER C 208 -8.63 18.68 -25.09
CA SER C 208 -9.57 18.68 -23.98
C SER C 208 -9.18 17.64 -22.90
N ASP C 209 -8.64 16.49 -23.33
CA ASP C 209 -8.13 15.48 -22.40
C ASP C 209 -6.99 16.03 -21.54
N ILE C 210 -6.11 16.80 -22.16
CA ILE C 210 -4.98 17.42 -21.45
C ILE C 210 -5.49 18.35 -20.35
N TYR C 211 -6.49 19.15 -20.66
CA TYR C 211 -7.08 20.06 -19.68
C TYR C 211 -7.63 19.30 -18.48
N SER C 212 -8.37 18.24 -18.76
CA SER C 212 -8.98 17.40 -17.73
C SER C 212 -7.90 16.70 -16.88
N PHE C 213 -6.82 16.26 -17.53
CA PHE C 213 -5.71 15.73 -16.78
C PHE C 213 -5.11 16.76 -15.81
N GLY C 214 -5.03 18.01 -16.24
CA GLY C 214 -4.58 19.11 -15.38
C GLY C 214 -5.38 19.25 -14.12
N VAL C 215 -6.69 19.07 -14.24
CA VAL C 215 -7.60 19.06 -13.09
C VAL C 215 -7.30 17.86 -12.19
N VAL C 216 -7.08 16.70 -12.78
CA VAL C 216 -6.70 15.51 -12.01
C VAL C 216 -5.42 15.75 -11.22
N LEU C 217 -4.43 16.38 -11.85
CA LEU C 217 -3.19 16.71 -11.16
C LEU C 217 -3.39 17.64 -9.98
N LEU C 218 -4.35 18.55 -10.06
CA LEU C 218 -4.70 19.40 -8.91
C LEU C 218 -5.40 18.62 -7.81
N GLU C 219 -6.25 17.66 -8.17
CA GLU C 219 -6.82 16.76 -7.15
C GLU C 219 -5.71 15.98 -6.40
N ILE C 220 -4.71 15.51 -7.14
CA ILE C 220 -3.61 14.77 -6.59
C ILE C 220 -2.80 15.62 -5.62
N ILE C 221 -2.52 16.87 -5.98
CA ILE C 221 -1.75 17.80 -5.12
C ILE C 221 -2.54 18.25 -3.90
N THR C 222 -3.82 18.56 -4.06
CA THR C 222 -4.60 19.17 -2.98
C THR C 222 -5.41 18.17 -2.18
N GLY C 223 -5.71 17.00 -2.77
CA GLY C 223 -6.70 16.08 -2.21
C GLY C 223 -8.13 16.56 -2.22
N LEU C 224 -8.40 17.65 -2.92
CA LEU C 224 -9.74 18.24 -2.95
C LEU C 224 -10.48 17.69 -4.17
N PRO C 225 -11.77 17.43 -4.05
CA PRO C 225 -12.53 17.08 -5.28
C PRO C 225 -12.69 18.27 -6.28
N ALA C 226 -12.81 17.96 -7.57
CA ALA C 226 -12.87 19.01 -8.62
C ALA C 226 -14.01 19.99 -8.41
N VAL C 227 -15.10 19.49 -7.84
CA VAL C 227 -16.21 20.33 -7.46
C VAL C 227 -16.71 19.91 -6.08
N ASP C 228 -16.91 20.91 -5.22
CA ASP C 228 -17.57 20.74 -3.93
C ASP C 228 -18.58 21.89 -3.81
N GLU C 229 -19.86 21.52 -3.72
CA GLU C 229 -20.97 22.49 -3.56
C GLU C 229 -20.81 23.33 -2.27
N HIS C 230 -20.28 22.72 -1.21
CA HIS C 230 -20.05 23.37 0.07
C HIS C 230 -18.63 23.96 0.18
N ARG C 231 -18.17 24.72 -0.83
CA ARG C 231 -16.77 25.22 -0.84
C ARG C 231 -16.61 26.56 -1.56
N GLU C 232 -15.48 27.23 -1.34
CA GLU C 232 -15.05 28.41 -2.09
C GLU C 232 -13.56 28.23 -2.41
N PRO C 233 -13.14 28.28 -3.68
CA PRO C 233 -14.03 28.19 -4.86
C PRO C 233 -14.66 26.82 -4.94
N GLN C 234 -15.84 26.73 -5.55
CA GLN C 234 -16.51 25.44 -5.68
C GLN C 234 -15.81 24.56 -6.74
N LEU C 235 -15.12 25.20 -7.69
CA LEU C 235 -14.42 24.50 -8.75
C LEU C 235 -12.94 24.59 -8.52
N LEU C 236 -12.30 23.42 -8.45
CA LEU C 236 -10.91 23.32 -8.12
C LEU C 236 -10.02 24.08 -9.11
N LEU C 237 -10.38 24.06 -10.41
CA LEU C 237 -9.68 24.84 -11.46
C LEU C 237 -9.35 26.27 -11.02
N ASP C 238 -10.31 26.88 -10.30
CA ASP C 238 -10.23 28.26 -9.93
C ASP C 238 -9.00 28.60 -9.10
N ILE C 239 -8.49 27.64 -8.32
CA ILE C 239 -7.29 27.90 -7.50
C ILE C 239 -6.10 28.35 -8.35
N LYS C 240 -6.08 27.95 -9.62
CA LYS C 240 -5.07 28.45 -10.55
C LYS C 240 -5.06 29.98 -10.59
N GLU C 241 -6.28 30.57 -10.59
CA GLU C 241 -6.42 32.02 -10.65
C GLU C 241 -5.95 32.63 -9.34
N GLU C 242 -6.45 32.09 -8.22
CA GLU C 242 -6.09 32.55 -6.87
C GLU C 242 -4.58 32.52 -6.63
N ILE C 243 -3.89 31.53 -7.21
CA ILE C 243 -2.46 31.42 -7.10
C ILE C 243 -1.73 32.42 -8.02
N GLU C 244 -2.19 32.59 -9.25
CA GLU C 244 -1.55 33.54 -10.19
C GLU C 244 -1.68 35.01 -9.78
N ASP C 245 -2.79 35.33 -9.11
CA ASP C 245 -3.01 36.67 -8.52
C ASP C 245 -2.47 36.76 -7.07
N GLU C 246 -1.50 35.91 -6.72
CA GLU C 246 -0.64 36.00 -5.51
C GLU C 246 -1.29 36.27 -4.14
N GLU C 247 -2.57 35.95 -4.01
CA GLU C 247 -3.25 35.97 -2.71
C GLU C 247 -2.79 34.74 -1.93
N LYS C 248 -2.79 33.60 -2.63
CA LYS C 248 -2.34 32.32 -2.12
C LYS C 248 -1.18 31.79 -2.97
N THR C 249 -0.59 30.69 -2.50
CA THR C 249 0.44 29.95 -3.24
C THR C 249 0.07 28.45 -3.24
N ILE C 250 0.75 27.66 -4.07
CA ILE C 250 0.44 26.24 -4.15
C ILE C 250 0.73 25.54 -2.83
N GLU C 251 1.84 25.92 -2.18
CA GLU C 251 2.15 25.50 -0.82
C GLU C 251 0.93 25.53 0.11
N ASP C 252 0.08 26.54 -0.04
CA ASP C 252 -1.11 26.69 0.83
C ASP C 252 -2.18 25.69 0.54
N TYR C 253 -2.19 25.11 -0.66
CA TYR C 253 -3.22 24.13 -1.07
C TYR C 253 -2.78 22.67 -0.97
N ILE C 254 -1.49 22.42 -0.73
CA ILE C 254 -0.98 21.05 -0.64
C ILE C 254 -1.82 20.25 0.35
N ASP C 255 -2.21 19.05 -0.06
CA ASP C 255 -2.99 18.14 0.80
C ASP C 255 -2.24 18.01 2.10
N LYS C 256 -2.92 18.31 3.20
CA LYS C 256 -2.33 18.21 4.53
C LYS C 256 -2.26 16.77 5.05
N LYS C 257 -2.88 15.83 4.33
CA LYS C 257 -2.80 14.40 4.68
C LYS C 257 -1.55 13.68 4.11
N MET C 258 -0.49 14.42 3.82
CA MET C 258 0.79 13.89 3.37
C MET C 258 1.86 14.34 4.36
N ASN C 259 2.83 13.47 4.64
CA ASN C 259 4.06 13.88 5.39
C ASN C 259 5.28 14.05 4.49
N ASP C 260 5.25 13.52 3.26
CA ASP C 260 6.45 13.33 2.43
C ASP C 260 6.50 14.16 1.14
N ALA C 261 5.78 15.27 1.11
CA ALA C 261 5.71 16.11 -0.08
C ALA C 261 6.68 17.27 0.07
N ASP C 262 7.76 17.25 -0.73
CA ASP C 262 8.67 18.41 -0.77
C ASP C 262 8.16 19.44 -1.77
N SER C 263 8.43 20.70 -1.45
CA SER C 263 7.99 21.86 -2.23
C SER C 263 8.41 21.83 -3.69
N THR C 264 9.65 21.45 -3.92
CA THR C 264 10.20 21.49 -5.25
C THR C 264 9.42 20.57 -6.18
N SER C 265 9.18 19.32 -5.74
CA SER C 265 8.46 18.36 -6.57
C SER C 265 6.96 18.72 -6.73
N VAL C 266 6.34 19.21 -5.66
CA VAL C 266 4.97 19.66 -5.74
C VAL C 266 4.81 20.83 -6.71
N GLU C 267 5.69 21.81 -6.62
CA GLU C 267 5.69 22.94 -7.55
C GLU C 267 5.93 22.51 -8.99
N ALA C 268 6.77 21.50 -9.19
CA ALA C 268 6.98 20.95 -10.52
C ALA C 268 5.69 20.28 -11.08
N MET C 269 4.97 19.50 -10.27
CA MET C 269 3.68 18.94 -10.70
C MET C 269 2.66 20.04 -10.97
N TYR C 270 2.62 21.04 -10.10
CA TYR C 270 1.74 22.20 -10.29
C TYR C 270 2.05 22.94 -11.60
N SER C 271 3.33 23.12 -11.91
CA SER C 271 3.74 23.75 -13.16
C SER C 271 3.14 23.02 -14.35
N VAL C 272 3.15 21.68 -14.30
CA VAL C 272 2.55 20.87 -15.36
C VAL C 272 1.04 21.07 -15.39
N ALA C 273 0.40 21.06 -14.23
CA ALA C 273 -1.06 21.23 -14.17
C ALA C 273 -1.49 22.59 -14.69
N SER C 274 -0.75 23.62 -14.31
CA SER C 274 -0.98 25.00 -14.77
C SER C 274 -0.97 25.10 -16.28
N GLN C 275 0.08 24.56 -16.90
CA GLN C 275 0.19 24.49 -18.36
C GLN C 275 -0.94 23.70 -19.01
N CYS C 276 -1.32 22.58 -18.42
CA CYS C 276 -2.45 21.75 -18.90
C CYS C 276 -3.76 22.52 -18.84
N LEU C 277 -3.88 23.39 -17.85
CA LEU C 277 -5.09 24.20 -17.65
C LEU C 277 -5.12 25.57 -18.39
N HIS C 278 -4.23 25.75 -19.38
CA HIS C 278 -4.26 26.94 -20.22
C HIS C 278 -5.60 27.02 -20.92
N GLU C 279 -6.21 28.20 -20.93
CA GLU C 279 -7.59 28.35 -21.43
C GLU C 279 -7.63 28.31 -22.98
N LYS C 280 -6.53 28.74 -23.62
CA LYS C 280 -6.34 28.60 -25.05
C LYS C 280 -5.83 27.19 -25.39
N LYS C 281 -6.71 26.33 -25.89
CA LYS C 281 -6.35 24.93 -26.24
C LYS C 281 -5.00 24.75 -26.93
N ASN C 282 -4.62 25.69 -27.79
CA ASN C 282 -3.40 25.55 -28.60
C ASN C 282 -2.10 25.79 -27.83
N LYS C 283 -2.19 26.45 -26.69
CA LYS C 283 -1.03 26.72 -25.84
C LYS C 283 -0.74 25.61 -24.83
N ARG C 284 -1.70 24.69 -24.65
CA ARG C 284 -1.51 23.54 -23.78
C ARG C 284 -0.47 22.63 -24.35
N PRO C 285 0.31 21.98 -23.48
CA PRO C 285 1.24 20.98 -24.00
C PRO C 285 0.47 19.72 -24.44
N ASP C 286 1.05 19.01 -25.40
CA ASP C 286 0.54 17.71 -25.81
C ASP C 286 0.94 16.68 -24.74
N ILE C 287 0.29 15.52 -24.79
CA ILE C 287 0.50 14.52 -23.72
C ILE C 287 1.95 14.08 -23.59
N LYS C 288 2.69 14.00 -24.70
CA LYS C 288 4.10 13.60 -24.66
C LYS C 288 4.92 14.56 -23.81
N LYS C 289 4.65 15.85 -23.95
CA LYS C 289 5.35 16.85 -23.15
C LYS C 289 4.99 16.66 -21.67
N VAL C 290 3.75 16.28 -21.40
CA VAL C 290 3.29 16.06 -20.02
C VAL C 290 4.04 14.89 -19.36
N GLN C 291 4.13 13.74 -20.05
CA GLN C 291 4.96 12.62 -19.60
C GLN C 291 6.37 13.07 -19.23
N GLN C 292 7.04 13.76 -20.17
CA GLN C 292 8.44 14.20 -20.01
C GLN C 292 8.58 15.05 -18.78
N LEU C 293 7.71 16.04 -18.65
CA LEU C 293 7.72 16.91 -17.50
C LEU C 293 7.49 16.16 -16.18
N LEU C 294 6.59 15.17 -16.21
CA LEU C 294 6.33 14.36 -15.01
C LEU C 294 7.49 13.39 -14.69
N GLN C 295 8.22 12.94 -15.72
CA GLN C 295 9.45 12.17 -15.51
C GLN C 295 10.54 13.01 -14.86
N GLU C 296 10.77 14.21 -15.40
CA GLU C 296 11.79 15.15 -14.87
C GLU C 296 11.55 15.51 -13.39
N MET C 297 10.28 15.57 -13.01
CA MET C 297 9.85 15.84 -11.63
C MET C 297 10.42 14.85 -10.60
N THR C 298 10.59 13.59 -10.98
CA THR C 298 11.25 12.57 -10.15
C THR C 298 12.73 12.40 -10.61
N ALA C 299 13.49 13.50 -10.55
CA ALA C 299 14.92 13.55 -10.88
C ALA C 299 15.43 14.99 -10.63
N SER C 300 14.98 15.95 -11.44
CA SER C 300 15.40 17.36 -11.33
N ARG D 4 -14.92 -4.82 30.17
CA ARG D 4 -13.99 -4.17 29.19
C ARG D 4 -14.24 -4.65 27.77
N PHE D 5 -14.40 -5.98 27.58
CA PHE D 5 -14.54 -6.57 26.26
C PHE D 5 -15.98 -7.02 26.05
N HIS D 6 -16.45 -6.92 24.80
CA HIS D 6 -17.80 -7.39 24.40
C HIS D 6 -17.88 -8.91 24.55
N SER D 7 -18.96 -9.39 25.19
CA SER D 7 -19.20 -10.82 25.35
C SER D 7 -20.07 -11.31 24.19
N PHE D 8 -19.52 -12.18 23.34
CA PHE D 8 -20.26 -12.79 22.22
C PHE D 8 -20.80 -14.17 22.58
N SER D 9 -21.94 -14.52 22.00
CA SER D 9 -22.41 -15.89 22.04
C SER D 9 -21.78 -16.62 20.86
N PHE D 10 -21.52 -17.90 21.08
CA PHE D 10 -20.93 -18.79 20.06
C PHE D 10 -21.68 -18.78 18.74
N TYR D 11 -23.02 -18.66 18.80
CA TYR D 11 -23.82 -18.83 17.59
C TYR D 11 -23.72 -17.60 16.70
N GLU D 12 -23.43 -16.43 17.29
CA GLU D 12 -23.18 -15.22 16.48
C GLU D 12 -21.87 -15.42 15.68
N LEU D 13 -20.84 -15.93 16.36
CA LEU D 13 -19.55 -16.13 15.74
C LEU D 13 -19.58 -17.25 14.70
N LYS D 14 -20.31 -18.30 14.99
CA LYS D 14 -20.55 -19.40 14.04
C LYS D 14 -21.23 -18.87 12.79
N ASN D 15 -22.29 -18.10 12.98
CA ASN D 15 -22.99 -17.46 11.86
C ASN D 15 -22.04 -16.65 10.99
N VAL D 16 -21.31 -15.73 11.62
CA VAL D 16 -20.48 -14.75 10.88
C VAL D 16 -19.16 -15.28 10.28
N THR D 17 -18.72 -16.47 10.71
CA THR D 17 -17.60 -17.17 10.07
C THR D 17 -18.04 -18.31 9.13
N ASN D 18 -19.33 -18.32 8.72
CA ASN D 18 -19.90 -19.39 7.86
C ASN D 18 -19.68 -20.80 8.44
N ASN D 19 -20.12 -20.95 9.68
CA ASN D 19 -19.98 -22.19 10.45
C ASN D 19 -18.50 -22.62 10.60
N PHE D 20 -17.62 -21.65 10.83
CA PHE D 20 -16.18 -21.87 10.97
C PHE D 20 -15.58 -22.69 9.83
N ASP D 21 -15.81 -22.20 8.61
CA ASP D 21 -15.35 -22.88 7.39
C ASP D 21 -13.81 -22.93 7.36
N GLU D 22 -13.23 -24.12 7.53
CA GLU D 22 -11.77 -24.29 7.67
C GLU D 22 -11.00 -24.34 6.35
N ARG D 23 -11.64 -24.04 5.21
CA ARG D 23 -10.94 -23.96 3.93
C ARG D 23 -10.34 -22.55 3.84
N PRO D 24 -9.21 -22.38 3.12
CA PRO D 24 -8.66 -21.04 2.96
C PRO D 24 -9.59 -20.09 2.22
N ILE D 25 -9.40 -18.80 2.49
CA ILE D 25 -10.19 -17.72 1.92
C ILE D 25 -10.02 -17.68 0.39
N SER D 26 -8.81 -18.04 -0.08
CA SER D 26 -8.51 -18.12 -1.52
C SER D 26 -9.41 -19.12 -2.27
N VAL D 27 -9.69 -20.27 -1.66
CA VAL D 27 -10.60 -21.28 -2.26
C VAL D 27 -12.05 -21.19 -1.69
N GLY D 28 -12.50 -20.00 -1.32
CA GLY D 28 -13.88 -19.77 -0.84
C GLY D 28 -14.23 -20.03 0.63
N GLY D 29 -13.25 -20.41 1.45
CA GLY D 29 -13.47 -20.63 2.89
C GLY D 29 -13.35 -19.40 3.78
N ASN D 30 -13.15 -19.62 5.07
CA ASN D 30 -13.03 -18.57 6.08
C ASN D 30 -11.74 -18.56 6.91
N LYS D 31 -10.94 -19.62 6.80
CA LYS D 31 -9.71 -19.74 7.56
C LYS D 31 -8.65 -18.80 6.95
N MET D 32 -8.02 -17.99 7.81
CA MET D 32 -6.94 -17.08 7.42
C MET D 32 -5.57 -17.62 7.84
N GLY D 33 -5.53 -18.38 8.92
CA GLY D 33 -4.30 -19.00 9.38
C GLY D 33 -4.47 -19.83 10.63
N GLU D 34 -3.43 -20.58 10.97
CA GLU D 34 -3.35 -21.33 12.20
C GLU D 34 -2.58 -20.41 13.15
N GLY D 35 -3.03 -20.32 14.39
CA GLY D 35 -2.34 -19.57 15.45
C GLY D 35 -1.77 -20.48 16.54
N GLY D 36 -1.35 -19.85 17.62
CA GLY D 36 -0.90 -20.57 18.81
C GLY D 36 -2.12 -21.23 19.44
N PHE D 37 -2.24 -22.53 19.18
CA PHE D 37 -3.28 -23.36 19.78
C PHE D 37 -4.70 -22.92 19.39
N GLY D 38 -4.91 -22.80 18.08
CA GLY D 38 -6.18 -22.42 17.51
C GLY D 38 -6.08 -22.02 16.07
N VAL D 39 -7.23 -21.95 15.39
CA VAL D 39 -7.34 -21.50 14.00
C VAL D 39 -7.95 -20.08 14.00
N VAL D 40 -7.60 -19.27 13.01
CA VAL D 40 -8.07 -17.88 12.90
C VAL D 40 -8.91 -17.74 11.65
N TYR D 41 -10.18 -17.40 11.84
CA TYR D 41 -11.15 -17.21 10.75
C TYR D 41 -11.51 -15.74 10.52
N LYS D 42 -11.94 -15.43 9.30
CA LYS D 42 -12.46 -14.11 8.99
C LYS D 42 -13.93 -14.07 9.34
N GLY D 43 -14.40 -12.90 9.80
CA GLY D 43 -15.77 -12.73 10.22
C GLY D 43 -16.30 -11.32 9.98
N TYR D 44 -17.62 -11.19 9.82
CA TYR D 44 -18.29 -9.89 9.72
C TYR D 44 -19.35 -9.70 10.80
N VAL D 45 -19.07 -8.86 11.79
CA VAL D 45 -20.02 -8.48 12.83
C VAL D 45 -20.37 -7.00 12.65
N ASN D 46 -21.68 -6.71 12.49
CA ASN D 46 -22.19 -5.37 12.16
C ASN D 46 -21.61 -4.94 10.79
N ASN D 47 -20.94 -3.79 10.71
CA ASN D 47 -20.19 -3.39 9.51
C ASN D 47 -18.67 -3.59 9.68
N THR D 48 -18.27 -4.35 10.71
CA THR D 48 -16.87 -4.54 11.08
C THR D 48 -16.36 -5.91 10.63
N THR D 49 -15.35 -5.96 9.75
CA THR D 49 -14.62 -7.21 9.53
C THR D 49 -13.81 -7.50 10.80
N VAL D 50 -13.76 -8.76 11.19
CA VAL D 50 -13.06 -9.17 12.41
C VAL D 50 -12.32 -10.47 12.17
N ALA D 51 -11.43 -10.78 13.11
CA ALA D 51 -10.69 -12.02 13.10
C ALA D 51 -11.17 -12.82 14.31
N VAL D 52 -11.56 -14.05 14.09
CA VAL D 52 -12.06 -14.92 15.17
C VAL D 52 -11.10 -16.11 15.34
N LYS D 53 -10.54 -16.24 16.53
CA LYS D 53 -9.68 -17.36 16.89
C LYS D 53 -10.48 -18.39 17.68
N LYS D 54 -10.72 -19.57 17.08
CA LYS D 54 -11.30 -20.72 17.78
C LYS D 54 -10.17 -21.66 18.27
N LEU D 55 -10.09 -21.88 19.58
CA LEU D 55 -9.00 -22.66 20.19
C LEU D 55 -9.16 -24.17 20.01
N THR D 62 -5.77 -30.80 26.20
CA THR D 62 -6.96 -31.17 27.00
C THR D 62 -7.59 -29.88 27.60
N THR D 63 -8.71 -30.03 28.31
CA THR D 63 -9.59 -28.92 28.73
C THR D 63 -8.93 -27.93 29.72
N GLU D 64 -8.00 -28.40 30.53
CA GLU D 64 -7.34 -27.56 31.54
C GLU D 64 -6.40 -26.52 30.93
N GLU D 65 -5.57 -26.94 29.97
CA GLU D 65 -4.46 -26.07 29.46
C GLU D 65 -4.95 -25.00 28.47
N LEU D 66 -5.87 -25.40 27.58
CA LEU D 66 -6.43 -24.50 26.55
C LEU D 66 -7.28 -23.41 27.22
N LYS D 67 -8.14 -23.83 28.14
CA LYS D 67 -8.92 -22.90 28.97
C LYS D 67 -8.03 -21.99 29.84
N GLN D 68 -6.82 -22.44 30.15
CA GLN D 68 -5.83 -21.61 30.87
C GLN D 68 -5.14 -20.57 29.99
N GLN D 69 -4.83 -20.94 28.74
CA GLN D 69 -4.31 -19.98 27.73
C GLN D 69 -5.38 -19.07 27.11
N PHE D 70 -6.64 -19.40 27.36
CA PHE D 70 -7.76 -18.50 27.06
C PHE D 70 -7.74 -17.31 28.01
N ASP D 71 -7.70 -17.60 29.31
CA ASP D 71 -7.72 -16.55 30.35
C ASP D 71 -6.44 -15.75 30.37
N GLN D 72 -5.31 -16.39 30.07
CA GLN D 72 -4.00 -15.73 29.94
C GLN D 72 -4.10 -14.63 28.90
N GLU D 73 -4.55 -14.98 27.70
CA GLU D 73 -4.69 -14.05 26.56
C GLU D 73 -5.63 -12.88 26.93
N ILE D 74 -6.79 -13.16 27.51
CA ILE D 74 -7.73 -12.10 27.91
C ILE D 74 -7.08 -11.21 28.97
N LYS D 75 -6.41 -11.82 29.94
CA LYS D 75 -5.76 -11.07 31.04
C LYS D 75 -4.64 -10.19 30.52
N VAL D 76 -3.79 -10.73 29.65
CA VAL D 76 -2.68 -9.97 29.07
C VAL D 76 -3.22 -8.84 28.19
N MET D 77 -4.25 -9.12 27.37
CA MET D 77 -4.85 -8.11 26.50
C MET D 77 -5.62 -7.03 27.25
N ALA D 78 -6.18 -7.40 28.41
CA ALA D 78 -6.81 -6.44 29.30
C ALA D 78 -5.77 -5.45 29.81
N LYS D 79 -4.61 -5.98 30.19
CA LYS D 79 -3.52 -5.16 30.71
C LYS D 79 -2.78 -4.41 29.60
N CYS D 80 -2.54 -5.07 28.47
CA CYS D 80 -1.62 -4.56 27.44
C CYS D 80 -2.34 -4.02 26.22
N GLN D 81 -2.49 -2.69 26.19
CA GLN D 81 -3.09 -1.98 25.06
C GLN D 81 -2.09 -0.95 24.54
N HIS D 82 -1.78 -1.08 23.25
CA HIS D 82 -0.78 -0.25 22.61
C HIS D 82 -1.04 -0.30 21.13
N GLU D 83 -0.67 0.76 20.41
CA GLU D 83 -0.97 0.82 18.98
C GLU D 83 -0.21 -0.22 18.14
N ASN D 84 0.88 -0.76 18.67
CA ASN D 84 1.62 -1.81 18.01
C ASN D 84 1.34 -3.20 18.58
N LEU D 85 0.17 -3.37 19.21
CA LEU D 85 -0.34 -4.70 19.59
C LEU D 85 -1.74 -4.87 19.05
N VAL D 86 -2.06 -6.07 18.55
CA VAL D 86 -3.43 -6.35 18.07
C VAL D 86 -4.39 -6.17 19.22
N GLU D 87 -5.54 -5.59 18.94
CA GLU D 87 -6.57 -5.35 19.92
C GLU D 87 -7.53 -6.53 19.99
N LEU D 88 -7.83 -6.95 21.21
CA LEU D 88 -8.93 -7.87 21.48
C LEU D 88 -10.23 -7.07 21.53
N LEU D 89 -11.21 -7.49 20.73
CA LEU D 89 -12.55 -6.94 20.81
C LEU D 89 -13.41 -7.73 21.78
N GLY D 90 -13.29 -9.05 21.76
CA GLY D 90 -14.11 -9.85 22.64
C GLY D 90 -13.81 -11.31 22.64
N PHE D 91 -14.69 -12.03 23.31
CA PHE D 91 -14.55 -13.47 23.52
C PHE D 91 -15.91 -14.15 23.58
N SER D 92 -15.88 -15.47 23.66
CA SER D 92 -17.07 -16.30 23.79
C SER D 92 -16.69 -17.56 24.57
N SER D 93 -17.26 -17.72 25.77
CA SER D 93 -17.05 -18.91 26.63
C SER D 93 -18.18 -19.95 26.56
N ASP D 94 -19.34 -19.57 26.02
CA ASP D 94 -20.58 -20.31 26.21
C ASP D 94 -20.77 -21.54 25.33
N GLY D 95 -20.33 -21.49 24.09
CA GLY D 95 -20.55 -22.59 23.12
C GLY D 95 -19.72 -23.83 23.42
N ASP D 96 -19.54 -24.66 22.38
CA ASP D 96 -18.68 -25.84 22.45
C ASP D 96 -17.21 -25.41 22.62
N ASP D 97 -16.74 -24.59 21.69
CA ASP D 97 -15.35 -24.12 21.67
C ASP D 97 -15.20 -22.70 22.24
N LEU D 98 -13.97 -22.38 22.64
CA LEU D 98 -13.62 -21.05 23.16
C LEU D 98 -13.13 -20.15 22.02
N CYS D 99 -13.73 -18.97 21.88
CA CYS D 99 -13.38 -18.04 20.80
C CYS D 99 -12.82 -16.71 21.30
N LEU D 100 -11.81 -16.18 20.61
CA LEU D 100 -11.28 -14.82 20.84
C LEU D 100 -11.49 -14.01 19.56
N VAL D 101 -11.94 -12.77 19.69
CA VAL D 101 -12.28 -11.92 18.54
C VAL D 101 -11.42 -10.67 18.54
N TYR D 102 -10.82 -10.39 17.39
CA TYR D 102 -9.81 -9.34 17.24
C TYR D 102 -10.15 -8.41 16.12
N VAL D 103 -9.57 -7.22 16.20
CA VAL D 103 -9.65 -6.28 15.11
C VAL D 103 -8.98 -6.90 13.89
N TYR D 104 -9.64 -6.83 12.74
CA TYR D 104 -9.12 -7.38 11.50
C TYR D 104 -7.94 -6.57 10.96
N MET D 105 -6.90 -7.27 10.52
CA MET D 105 -5.68 -6.68 10.02
C MET D 105 -5.66 -6.90 8.52
N PRO D 106 -6.11 -5.89 7.76
CA PRO D 106 -6.30 -6.12 6.32
C PRO D 106 -5.07 -6.40 5.48
N ASN D 107 -3.86 -6.17 5.99
CA ASN D 107 -2.65 -6.59 5.27
C ASN D 107 -1.97 -7.84 5.80
N GLY D 108 -2.65 -8.60 6.64
CA GLY D 108 -2.18 -9.90 7.07
C GLY D 108 -0.91 -9.83 7.90
N SER D 109 -0.09 -10.86 7.75
CA SER D 109 1.15 -11.01 8.49
C SER D 109 2.30 -10.47 7.67
N LEU D 110 3.34 -10.03 8.38
CA LEU D 110 4.61 -9.63 7.76
C LEU D 110 5.23 -10.77 6.95
N LEU D 111 5.10 -12.00 7.44
CA LEU D 111 5.68 -13.15 6.73
C LEU D 111 5.09 -13.17 5.34
N ASP D 112 3.75 -13.14 5.27
CA ASP D 112 3.06 -13.24 4.00
C ASP D 112 3.37 -12.05 3.06
N ARG D 113 3.56 -10.85 3.59
CA ARG D 113 3.90 -9.70 2.77
C ARG D 113 5.35 -9.74 2.34
N LEU D 114 6.21 -10.32 3.18
CA LEU D 114 7.59 -10.49 2.78
C LEU D 114 7.71 -11.47 1.60
N SER D 115 6.84 -12.46 1.57
CA SER D 115 6.83 -13.45 0.48
C SER D 115 5.89 -13.09 -0.66
N CYS D 116 5.20 -11.93 -0.57
CA CYS D 116 4.28 -11.43 -1.61
C CYS D 116 3.18 -12.43 -1.92
N LEU D 117 2.68 -13.10 -0.88
CA LEU D 117 1.68 -14.13 -0.99
C LEU D 117 0.38 -13.54 -1.55
N ASP D 118 -0.31 -14.30 -2.37
CA ASP D 118 -1.56 -13.87 -3.03
C ASP D 118 -1.44 -12.59 -3.88
N GLY D 119 -0.24 -12.37 -4.41
CA GLY D 119 -0.02 -11.33 -5.40
C GLY D 119 0.19 -9.93 -4.89
N THR D 120 0.44 -9.77 -3.60
CA THR D 120 0.61 -8.42 -3.05
C THR D 120 2.01 -7.92 -3.42
N PRO D 121 2.18 -6.60 -3.57
CA PRO D 121 3.49 -6.12 -4.05
C PRO D 121 4.51 -6.10 -2.94
N PRO D 122 5.79 -6.18 -3.29
CA PRO D 122 6.86 -6.18 -2.29
C PRO D 122 6.90 -4.92 -1.45
N LEU D 123 7.19 -5.08 -0.17
CA LEU D 123 7.31 -3.94 0.74
C LEU D 123 8.57 -3.16 0.37
N SER D 124 8.45 -1.85 0.30
CA SER D 124 9.61 -0.96 0.08
C SER D 124 10.45 -1.01 1.32
N TRP D 125 11.71 -0.64 1.17
CA TRP D 125 12.60 -0.45 2.32
C TRP D 125 12.03 0.54 3.32
N HIS D 126 11.41 1.61 2.83
CA HIS D 126 10.80 2.60 3.70
C HIS D 126 9.72 2.01 4.60
N MET D 127 8.79 1.25 4.05
CA MET D 127 7.77 0.56 4.87
C MET D 127 8.43 -0.44 5.82
N ARG D 128 9.42 -1.18 5.32
CA ARG D 128 10.14 -2.15 6.15
C ARG D 128 10.73 -1.53 7.39
N CYS D 129 11.32 -0.34 7.25
CA CYS D 129 11.86 0.38 8.40
C CYS D 129 10.78 0.76 9.36
N LYS D 130 9.64 1.22 8.85
CA LYS D 130 8.49 1.60 9.72
C LYS D 130 7.96 0.37 10.48
N ILE D 131 7.90 -0.77 9.79
CA ILE D 131 7.39 -1.99 10.40
C ILE D 131 8.33 -2.49 11.51
N ALA D 132 9.63 -2.40 11.26
CA ALA D 132 10.63 -2.75 12.25
C ALA D 132 10.52 -1.87 13.49
N GLN D 133 10.44 -0.56 13.30
CA GLN D 133 10.32 0.39 14.42
C GLN D 133 9.05 0.11 15.20
N GLY D 134 7.95 -0.10 14.48
CA GLY D 134 6.66 -0.41 15.10
C GLY D 134 6.63 -1.69 15.89
N ALA D 135 7.18 -2.77 15.34
CA ALA D 135 7.25 -4.05 16.05
C ALA D 135 8.05 -3.92 17.35
N ALA D 136 9.12 -3.14 17.30
CA ALA D 136 9.98 -2.91 18.48
C ALA D 136 9.29 -2.06 19.53
N ASN D 137 8.47 -1.10 19.11
CA ASN D 137 7.66 -0.32 20.07
C ASN D 137 6.69 -1.28 20.78
N GLY D 138 6.15 -2.26 20.05
CA GLY D 138 5.26 -3.25 20.63
C GLY D 138 5.95 -4.15 21.65
N ILE D 139 7.11 -4.67 21.27
CA ILE D 139 7.87 -5.53 22.18
C ILE D 139 8.29 -4.71 23.41
N ASN D 140 8.75 -3.46 23.19
CA ASN D 140 9.11 -2.57 24.31
C ASN D 140 7.98 -2.36 25.30
N PHE D 141 6.77 -2.15 24.80
CA PHE D 141 5.62 -2.05 25.67
C PHE D 141 5.36 -3.31 26.47
N LEU D 142 5.54 -4.46 25.86
CA LEU D 142 5.36 -5.73 26.58
C LEU D 142 6.41 -5.91 27.71
N HIS D 143 7.67 -5.59 27.40
CA HIS D 143 8.77 -5.75 28.36
C HIS D 143 8.69 -4.73 29.49
N GLU D 144 8.46 -3.45 29.16
CA GLU D 144 8.16 -2.42 30.19
C GLU D 144 7.06 -2.86 31.16
N ASN D 145 6.05 -3.57 30.65
CA ASN D 145 4.98 -4.10 31.48
C ASN D 145 5.24 -5.54 31.94
N HIS D 146 6.50 -5.95 31.93
CA HIS D 146 6.93 -7.22 32.51
C HIS D 146 6.21 -8.44 31.91
N HIS D 147 6.06 -8.42 30.59
CA HIS D 147 5.51 -9.55 29.84
C HIS D 147 6.54 -10.04 28.82
N ILE D 148 6.62 -11.35 28.65
CA ILE D 148 7.52 -11.99 27.70
C ILE D 148 6.60 -12.65 26.67
N HIS D 149 6.86 -12.41 25.39
CA HIS D 149 6.00 -12.91 24.33
C HIS D 149 6.19 -14.40 24.13
N ARG D 150 7.45 -14.83 23.93
CA ARG D 150 7.84 -16.25 23.70
C ARG D 150 7.60 -16.84 22.29
N ASP D 151 7.07 -16.06 21.36
CA ASP D 151 6.85 -16.52 19.98
C ASP D 151 6.87 -15.33 19.00
N ILE D 152 7.87 -14.46 19.16
CA ILE D 152 8.15 -13.38 18.22
C ILE D 152 8.63 -13.99 16.91
N LYS D 153 7.93 -13.64 15.84
CA LYS D 153 8.24 -14.08 14.48
C LYS D 153 7.38 -13.30 13.51
N SER D 154 7.76 -13.35 12.24
CA SER D 154 7.07 -12.56 11.25
C SER D 154 5.60 -12.98 11.05
N ALA D 155 5.27 -14.25 11.30
CA ALA D 155 3.86 -14.68 11.24
C ALA D 155 2.98 -14.04 12.35
N ASN D 156 3.61 -13.56 13.42
CA ASN D 156 2.92 -12.91 14.53
C ASN D 156 3.10 -11.40 14.57
N ILE D 157 3.56 -10.79 13.48
CA ILE D 157 3.56 -9.33 13.35
C ILE D 157 2.55 -9.03 12.25
N LEU D 158 1.39 -8.51 12.64
CA LEU D 158 0.32 -8.26 11.69
C LEU D 158 0.37 -6.82 11.23
N LEU D 159 -0.23 -6.59 10.07
CA LEU D 159 -0.15 -5.31 9.41
C LEU D 159 -1.57 -4.79 9.12
N ASP D 160 -1.86 -3.58 9.59
CA ASP D 160 -3.18 -2.99 9.43
C ASP D 160 -3.30 -2.26 8.08
N GLU D 161 -4.41 -1.57 7.89
CA GLU D 161 -4.66 -0.78 6.69
C GLU D 161 -3.51 0.19 6.32
N ALA D 162 -2.77 0.70 7.30
CA ALA D 162 -1.64 1.60 7.04
C ALA D 162 -0.25 0.96 7.18
N PHE D 163 -0.21 -0.36 7.18
CA PHE D 163 1.02 -1.14 7.39
C PHE D 163 1.68 -0.87 8.74
N THR D 164 0.86 -0.51 9.74
CA THR D 164 1.34 -0.42 11.10
C THR D 164 1.51 -1.83 11.66
N ALA D 165 2.69 -2.08 12.26
CA ALA D 165 3.00 -3.38 12.83
C ALA D 165 2.22 -3.61 14.10
N LYS D 166 1.63 -4.79 14.21
CA LYS D 166 0.87 -5.17 15.41
C LYS D 166 1.32 -6.55 15.87
N ILE D 167 1.95 -6.62 17.03
CA ILE D 167 2.33 -7.91 17.60
C ILE D 167 1.02 -8.64 17.99
N SER D 168 0.96 -9.93 17.73
CA SER D 168 -0.19 -10.75 18.03
C SER D 168 0.23 -12.06 18.65
N ASP D 169 -0.76 -12.84 19.06
CA ASP D 169 -0.60 -14.11 19.76
C ASP D 169 0.14 -14.00 21.10
N PHE D 170 -0.62 -13.67 22.15
CA PHE D 170 -0.15 -13.67 23.55
C PHE D 170 -0.67 -14.85 24.37
N GLY D 171 -1.01 -15.97 23.70
CA GLY D 171 -1.46 -17.18 24.44
C GLY D 171 -0.34 -17.79 25.27
N LEU D 172 0.88 -17.71 24.73
CA LEU D 172 2.09 -18.18 25.36
C LEU D 172 2.78 -17.18 26.29
N ALA D 173 2.28 -15.94 26.37
CA ALA D 173 2.96 -14.89 27.11
C ALA D 173 3.00 -15.13 28.63
N ARG D 174 4.02 -14.56 29.29
CA ARG D 174 4.30 -14.78 30.73
C ARG D 174 4.71 -13.47 31.43
N ALA D 175 4.44 -13.38 32.75
CA ALA D 175 4.93 -12.27 33.59
C ALA D 175 6.40 -12.46 34.06
N SER D 176 7.07 -11.35 34.38
CA SER D 176 8.47 -11.38 34.84
C SER D 176 8.71 -11.28 36.39
N GLU D 177 7.94 -10.43 37.07
CA GLU D 177 8.10 -10.23 38.52
N TPO D 182 15.35 -15.47 36.17
CA TPO D 182 14.91 -16.24 35.00
CB TPO D 182 16.09 -16.41 34.02
CG2 TPO D 182 15.80 -17.49 32.95
OG1 TPO D 182 16.33 -15.13 33.39
P TPO D 182 17.86 -14.85 33.00
O1P TPO D 182 17.92 -13.51 32.28
O2P TPO D 182 18.27 -15.93 32.06
O3P TPO D 182 18.64 -14.84 34.30
C TPO D 182 14.35 -17.56 35.43
O TPO D 182 14.97 -18.28 36.24
N VAL D 183 13.21 -17.92 34.84
CA VAL D 183 12.44 -19.11 35.19
C VAL D 183 12.92 -20.24 34.27
N MET D 184 12.46 -21.47 34.52
CA MET D 184 12.59 -22.59 33.59
C MET D 184 11.21 -23.22 33.39
N TPO D 185 11.09 -24.14 32.43
CA TPO D 185 9.83 -24.82 32.14
CB TPO D 185 8.97 -23.95 31.21
CG2 TPO D 185 9.64 -23.60 29.87
OG1 TPO D 185 7.71 -24.62 30.92
P TPO D 185 6.42 -24.18 31.78
O1P TPO D 185 5.59 -23.25 30.90
O2P TPO D 185 5.64 -25.44 32.01
O3P TPO D 185 6.80 -23.52 33.09
C TPO D 185 10.09 -26.19 31.55
O TPO D 185 11.17 -26.47 31.05
N SEP D 186 9.08 -27.04 31.67
CA SEP D 186 9.08 -28.41 31.11
CB SEP D 186 8.26 -29.37 31.98
OG SEP D 186 7.97 -28.77 33.24
C SEP D 186 8.49 -28.41 29.72
O SEP D 186 9.03 -29.08 28.83
P SEP D 186 6.83 -29.39 34.21
O1P SEP D 186 5.54 -29.24 33.43
O2P SEP D 186 6.91 -28.53 35.45
O3P SEP D 186 7.29 -30.82 34.38
N ARG D 187 7.40 -27.67 29.54
CA ARG D 187 6.79 -27.46 28.22
C ARG D 187 7.53 -26.33 27.49
N ILE D 188 8.51 -26.73 26.67
CA ILE D 188 9.23 -25.79 25.79
C ILE D 188 8.31 -25.53 24.61
N VAL D 189 7.91 -24.27 24.44
CA VAL D 189 7.03 -23.83 23.33
C VAL D 189 7.64 -22.67 22.54
N GLY D 190 7.22 -22.58 21.27
CA GLY D 190 7.72 -21.57 20.35
C GLY D 190 7.98 -22.11 18.96
N THR D 191 8.68 -21.30 18.18
CA THR D 191 8.98 -21.63 16.79
C THR D 191 10.49 -21.71 16.63
N THR D 192 10.94 -22.94 16.35
CA THR D 192 12.34 -23.36 16.40
C THR D 192 13.31 -22.44 15.67
N ALA D 193 12.92 -22.07 14.46
CA ALA D 193 13.76 -21.26 13.58
C ALA D 193 13.98 -19.85 14.08
N TYR D 194 13.13 -19.39 15.00
CA TYR D 194 13.22 -18.06 15.62
C TYR D 194 13.76 -18.07 17.03
N MET D 195 13.97 -19.24 17.61
CA MET D 195 14.19 -19.34 19.05
C MET D 195 15.65 -19.19 19.41
N ALA D 196 15.88 -18.45 20.50
CA ALA D 196 17.18 -18.40 21.14
C ALA D 196 17.59 -19.78 21.72
N PRO D 197 18.91 -20.03 21.82
CA PRO D 197 19.38 -21.30 22.40
C PRO D 197 18.81 -21.54 23.79
N GLU D 198 18.86 -20.54 24.65
CA GLU D 198 18.32 -20.70 26.00
C GLU D 198 16.83 -21.06 26.00
N ALA D 199 16.05 -20.43 25.13
CA ALA D 199 14.61 -20.74 25.06
C ALA D 199 14.40 -22.17 24.59
N LEU D 200 15.25 -22.64 23.70
CA LEU D 200 15.18 -24.03 23.25
C LEU D 200 15.46 -25.04 24.38
N ARG D 201 16.18 -24.59 25.40
CA ARG D 201 16.47 -25.38 26.59
C ARG D 201 15.52 -25.14 27.78
N GLY D 202 14.46 -24.36 27.57
CA GLY D 202 13.45 -24.15 28.62
C GLY D 202 13.56 -22.90 29.47
N GLU D 203 14.60 -22.08 29.31
CA GLU D 203 14.64 -20.80 30.03
C GLU D 203 13.54 -19.89 29.49
N ILE D 204 13.07 -19.00 30.36
CA ILE D 204 12.04 -18.03 30.04
C ILE D 204 12.57 -16.67 30.47
N THR D 205 12.96 -15.87 29.49
CA THR D 205 13.53 -14.56 29.74
C THR D 205 13.12 -13.64 28.58
N PRO D 206 12.97 -12.33 28.84
CA PRO D 206 12.73 -11.40 27.74
C PRO D 206 13.87 -11.31 26.73
N LYS D 207 15.05 -11.79 27.11
CA LYS D 207 16.19 -11.77 26.22
C LYS D 207 15.99 -12.71 25.02
N SER D 208 15.18 -13.75 25.22
CA SER D 208 14.81 -14.63 24.12
C SER D 208 13.98 -13.91 23.05
N ASP D 209 13.12 -12.97 23.47
CA ASP D 209 12.31 -12.15 22.57
C ASP D 209 13.22 -11.31 21.67
N ILE D 210 14.28 -10.76 22.25
CA ILE D 210 15.24 -9.94 21.51
C ILE D 210 15.89 -10.77 20.40
N TYR D 211 16.30 -11.99 20.72
CA TYR D 211 16.93 -12.88 19.74
C TYR D 211 16.00 -13.13 18.57
N SER D 212 14.74 -13.45 18.88
CA SER D 212 13.73 -13.74 17.88
C SER D 212 13.44 -12.50 17.01
N PHE D 213 13.43 -11.32 17.63
CA PHE D 213 13.31 -10.10 16.87
C PHE D 213 14.46 -9.92 15.87
N GLY D 214 15.67 -10.28 16.28
CA GLY D 214 16.84 -10.26 15.38
C GLY D 214 16.66 -11.08 14.16
N VAL D 215 16.03 -12.24 14.31
CA VAL D 215 15.66 -13.10 13.17
C VAL D 215 14.65 -12.40 12.28
N VAL D 216 13.64 -11.78 12.89
CA VAL D 216 12.65 -11.00 12.13
C VAL D 216 13.32 -9.90 11.32
N LEU D 217 14.27 -9.19 11.91
CA LEU D 217 15.00 -8.16 11.17
C LEU D 217 15.77 -8.71 9.98
N LEU D 218 16.29 -9.93 10.07
CA LEU D 218 16.93 -10.58 8.92
C LEU D 218 15.91 -10.95 7.83
N GLU D 219 14.71 -11.39 8.24
CA GLU D 219 13.64 -11.62 7.25
C GLU D 219 13.29 -10.32 6.49
N ILE D 220 13.24 -9.21 7.23
CA ILE D 220 12.93 -7.91 6.67
C ILE D 220 13.97 -7.47 5.66
N ILE D 221 15.25 -7.65 5.98
CA ILE D 221 16.36 -7.29 5.09
C ILE D 221 16.46 -8.18 3.87
N THR D 222 16.30 -9.49 4.05
CA THR D 222 16.55 -10.45 2.96
C THR D 222 15.31 -10.86 2.21
N GLY D 223 14.13 -10.72 2.83
CA GLY D 223 12.90 -11.31 2.32
C GLY D 223 12.86 -12.83 2.33
N LEU D 224 13.80 -13.47 3.03
CA LEU D 224 13.86 -14.94 3.07
C LEU D 224 13.12 -15.40 4.31
N PRO D 225 12.39 -16.52 4.23
CA PRO D 225 11.81 -17.06 5.48
C PRO D 225 12.90 -17.63 6.45
N ALA D 226 12.59 -17.63 7.75
CA ALA D 226 13.56 -18.06 8.78
C ALA D 226 14.06 -19.47 8.56
N VAL D 227 13.18 -20.31 8.02
CA VAL D 227 13.55 -21.66 7.65
C VAL D 227 12.93 -21.99 6.29
N ASP D 228 13.77 -22.58 5.42
CA ASP D 228 13.34 -23.17 4.15
C ASP D 228 14.03 -24.53 4.05
N GLU D 229 13.23 -25.60 4.05
CA GLU D 229 13.76 -26.97 3.90
C GLU D 229 14.51 -27.19 2.60
N HIS D 230 14.08 -26.53 1.52
CA HIS D 230 14.77 -26.58 0.22
C HIS D 230 15.81 -25.47 0.04
N ARG D 231 16.70 -25.26 1.01
CA ARG D 231 17.68 -24.14 0.95
C ARG D 231 18.99 -24.48 1.67
N GLU D 232 20.04 -23.69 1.40
CA GLU D 232 21.31 -23.72 2.11
C GLU D 232 21.72 -22.27 2.37
N PRO D 233 21.95 -21.86 3.63
CA PRO D 233 21.58 -22.59 4.84
C PRO D 233 20.06 -22.66 4.96
N GLN D 234 19.57 -23.71 5.62
CA GLN D 234 18.13 -23.85 5.81
C GLN D 234 17.61 -22.86 6.86
N LEU D 235 18.48 -22.43 7.78
CA LEU D 235 18.11 -21.51 8.83
C LEU D 235 18.73 -20.16 8.55
N LEU D 236 17.88 -19.15 8.48
CA LEU D 236 18.28 -17.82 8.12
C LEU D 236 19.34 -17.24 9.08
N LEU D 237 19.22 -17.56 10.37
CA LEU D 237 20.22 -17.19 11.39
C LEU D 237 21.66 -17.43 10.95
N ASP D 238 21.86 -18.55 10.24
CA ASP D 238 23.18 -18.98 9.81
C ASP D 238 23.91 -17.95 8.94
N ILE D 239 23.17 -17.13 8.19
CA ILE D 239 23.83 -16.10 7.35
C ILE D 239 24.68 -15.14 8.18
N LYS D 240 24.34 -14.98 9.46
CA LYS D 240 25.20 -14.20 10.35
C LYS D 240 26.63 -14.76 10.36
N GLU D 241 26.74 -16.08 10.37
CA GLU D 241 28.04 -16.76 10.39
C GLU D 241 28.75 -16.55 9.08
N GLU D 242 28.04 -16.83 7.98
CA GLU D 242 28.57 -16.67 6.61
C GLU D 242 29.09 -15.23 6.37
N ILE D 243 28.42 -14.25 6.95
CA ILE D 243 28.83 -12.87 6.84
C ILE D 243 30.04 -12.54 7.73
N GLU D 244 30.05 -13.03 8.97
CA GLU D 244 31.19 -12.76 9.89
C GLU D 244 32.51 -13.42 9.44
N ASP D 245 32.41 -14.57 8.79
CA ASP D 245 33.55 -15.25 8.18
C ASP D 245 33.82 -14.79 6.72
N GLU D 246 33.36 -13.57 6.37
CA GLU D 246 33.73 -12.79 5.15
C GLU D 246 33.73 -13.50 3.79
N GLU D 247 32.97 -14.59 3.68
CA GLU D 247 32.72 -15.24 2.38
C GLU D 247 31.72 -14.37 1.62
N LYS D 248 30.66 -13.97 2.33
CA LYS D 248 29.62 -13.08 1.84
C LYS D 248 29.55 -11.81 2.68
N THR D 249 28.73 -10.87 2.23
CA THR D 249 28.42 -9.64 2.96
C THR D 249 26.90 -9.44 2.99
N ILE D 250 26.41 -8.51 3.82
CA ILE D 250 24.98 -8.30 3.92
C ILE D 250 24.39 -7.78 2.61
N GLU D 251 25.13 -6.89 1.95
CA GLU D 251 24.83 -6.46 0.58
C GLU D 251 24.39 -7.63 -0.33
N ASP D 252 25.05 -8.77 -0.18
CA ASP D 252 24.76 -9.94 -1.03
C ASP D 252 23.42 -10.59 -0.71
N TYR D 253 22.91 -10.37 0.50
CA TYR D 253 21.63 -10.97 0.93
C TYR D 253 20.42 -10.04 0.84
N ILE D 254 20.63 -8.76 0.59
CA ILE D 254 19.54 -7.77 0.53
C ILE D 254 18.46 -8.26 -0.43
N ASP D 255 17.21 -8.19 0.00
CA ASP D 255 16.06 -8.60 -0.81
C ASP D 255 16.17 -7.81 -2.12
N LYS D 256 16.18 -8.52 -3.23
CA LYS D 256 16.26 -7.88 -4.55
C LYS D 256 14.91 -7.32 -5.02
N LYS D 257 13.84 -7.56 -4.28
CA LYS D 257 12.51 -7.01 -4.57
C LYS D 257 12.27 -5.59 -4.01
N MET D 258 13.35 -4.85 -3.76
CA MET D 258 13.30 -3.46 -3.30
C MET D 258 14.05 -2.61 -4.32
N ASN D 259 13.56 -1.41 -4.59
CA ASN D 259 14.34 -0.40 -5.38
C ASN D 259 15.00 0.71 -4.52
N ASP D 260 14.55 0.85 -3.27
CA ASP D 260 14.84 2.01 -2.44
C ASP D 260 15.67 1.72 -1.18
N ALA D 261 16.45 0.64 -1.19
CA ALA D 261 17.25 0.27 -0.03
C ALA D 261 18.67 0.77 -0.23
N ASP D 262 19.09 1.78 0.53
CA ASP D 262 20.47 2.19 0.54
C ASP D 262 21.28 1.36 1.53
N SER D 263 22.54 1.14 1.16
CA SER D 263 23.49 0.31 1.91
C SER D 263 23.65 0.73 3.36
N THR D 264 23.77 2.02 3.58
CA THR D 264 24.05 2.54 4.90
C THR D 264 22.93 2.15 5.87
N SER D 265 21.67 2.38 5.47
CA SER D 265 20.53 2.06 6.35
C SER D 265 20.35 0.53 6.52
N VAL D 266 20.55 -0.23 5.46
CA VAL D 266 20.49 -1.69 5.54
C VAL D 266 21.55 -2.24 6.49
N GLU D 267 22.79 -1.76 6.35
CA GLU D 267 23.86 -2.17 7.24
C GLU D 267 23.59 -1.79 8.70
N ALA D 268 22.96 -0.62 8.90
CA ALA D 268 22.56 -0.23 10.25
C ALA D 268 21.50 -1.18 10.85
N MET D 269 20.49 -1.59 10.05
CA MET D 269 19.52 -2.59 10.54
C MET D 269 20.18 -3.93 10.80
N TYR D 270 21.08 -4.34 9.92
CA TYR D 270 21.86 -5.55 10.11
C TYR D 270 22.68 -5.52 11.40
N SER D 271 23.31 -4.39 11.67
CA SER D 271 24.08 -4.21 12.90
C SER D 271 23.21 -4.49 14.13
N VAL D 272 21.98 -4.00 14.09
CA VAL D 272 21.02 -4.25 15.17
C VAL D 272 20.66 -5.73 15.25
N ALA D 273 20.40 -6.35 14.10
CA ALA D 273 20.06 -7.77 14.09
C ALA D 273 21.18 -8.65 14.60
N SER D 274 22.41 -8.33 14.19
CA SER D 274 23.61 -9.03 14.64
C SER D 274 23.74 -9.02 16.16
N GLN D 275 23.61 -7.83 16.76
CA GLN D 275 23.61 -7.67 18.22
C GLN D 275 22.49 -8.43 18.91
N CYS D 276 21.28 -8.40 18.32
CA CYS D 276 20.13 -9.17 18.83
C CYS D 276 20.39 -10.66 18.82
N LEU D 277 21.14 -11.10 17.82
CA LEU D 277 21.46 -12.52 17.63
C LEU D 277 22.73 -13.03 18.36
N HIS D 278 23.25 -12.25 19.32
CA HIS D 278 24.37 -12.70 20.13
C HIS D 278 23.97 -13.98 20.88
N GLU D 279 24.84 -14.98 20.88
CA GLU D 279 24.48 -16.30 21.42
C GLU D 279 24.45 -16.31 22.96
N LYS D 280 25.27 -15.44 23.57
CA LYS D 280 25.23 -15.20 25.00
C LYS D 280 24.11 -14.20 25.35
N LYS D 281 23.00 -14.71 25.87
CA LYS D 281 21.82 -13.89 26.23
C LYS D 281 22.15 -12.53 26.89
N ASN D 282 23.17 -12.51 27.74
CA ASN D 282 23.48 -11.30 28.54
C ASN D 282 24.16 -10.20 27.76
N LYS D 283 24.75 -10.52 26.60
CA LYS D 283 25.38 -9.54 25.74
C LYS D 283 24.42 -8.88 24.73
N ARG D 284 23.23 -9.44 24.58
CA ARG D 284 22.22 -8.87 23.70
C ARG D 284 21.75 -7.56 24.26
N PRO D 285 21.39 -6.62 23.37
CA PRO D 285 20.79 -5.38 23.86
C PRO D 285 19.36 -5.63 24.34
N ASP D 286 18.93 -4.81 25.28
CA ASP D 286 17.54 -4.81 25.72
C ASP D 286 16.70 -4.09 24.64
N ILE D 287 15.39 -4.26 24.70
CA ILE D 287 14.51 -3.76 23.66
C ILE D 287 14.62 -2.23 23.49
N LYS D 288 14.82 -1.50 24.59
CA LYS D 288 14.96 -0.04 24.51
C LYS D 288 16.13 0.37 23.64
N LYS D 289 17.24 -0.34 23.76
CA LYS D 289 18.40 -0.07 22.95
C LYS D 289 18.07 -0.35 21.47
N VAL D 290 17.26 -1.40 21.23
CA VAL D 290 16.86 -1.75 19.87
C VAL D 290 16.02 -0.64 19.22
N GLN D 291 15.00 -0.15 19.92
CA GLN D 291 14.23 1.04 19.47
C GLN D 291 15.14 2.18 19.07
N GLN D 292 16.04 2.57 19.98
CA GLN D 292 16.94 3.72 19.78
C GLN D 292 17.77 3.53 18.53
N LEU D 293 18.38 2.36 18.41
CA LEU D 293 19.17 2.04 17.24
C LEU D 293 18.35 2.06 15.95
N LEU D 294 17.12 1.58 16.01
CA LEU D 294 16.22 1.61 14.84
C LEU D 294 15.74 3.03 14.51
N GLN D 295 15.60 3.89 15.52
CA GLN D 295 15.32 5.32 15.29
C GLN D 295 16.47 6.02 14.60
N GLU D 296 17.69 5.81 15.11
CA GLU D 296 18.92 6.40 14.56
C GLU D 296 19.14 6.03 13.09
N MET D 297 18.73 4.81 12.73
CA MET D 297 18.80 4.30 11.36
C MET D 297 18.07 5.19 10.32
N THR D 298 16.96 5.80 10.73
CA THR D 298 16.23 6.76 9.90
C THR D 298 16.60 8.20 10.33
N ALA D 299 17.90 8.54 10.24
CA ALA D 299 18.44 9.85 10.62
C15 FJ0 E . 15.51 -4.08 -24.48
C17 FJ0 E . 15.04 -4.04 -25.76
C18 FJ0 E . 17.52 -6.37 -26.18
C19 FJ0 E . 17.62 -6.69 -27.53
C23 FJ0 E . 20.24 -8.55 -24.73
C22 FJ0 E . 18.38 -6.98 -25.28
C21 FJ0 E . 19.31 -7.90 -25.72
C20 FJ0 E . 18.54 -7.63 -27.97
C10 FJ0 E . 17.92 -5.17 -20.37
C9 FJ0 E . 13.04 -1.37 -14.69
O2 FJ0 E . 17.85 -7.99 -19.19
C8 FJ0 E . 11.95 -2.22 -14.02
C7 FJ0 E . 10.33 -1.22 -15.38
C1 FJ0 E . 14.54 -3.16 -18.10
C2 FJ0 E . 15.69 -4.44 -19.71
C3 FJ0 E . 15.08 -3.67 -20.74
O3 FJ0 E . 14.26 -2.39 -23.47
C4 FJ0 E . 14.18 -2.63 -20.35
O4 FJ0 E . 15.70 -4.83 -26.40
C5 FJ0 E . 13.30 -1.76 -17.19
C6 FJ0 E . 11.39 -0.41 -16.18
C14 FJ0 E . 15.00 -3.37 -23.31
C16 FJ0 E . 16.54 -5.38 -25.70
N6 FJ0 E . 19.39 -8.22 -27.07
N5 FJ0 E . 16.47 -4.96 -24.44
N4 FJ0 E . 15.41 -3.96 -22.11
N3 FJ0 E . 16.63 -5.53 -19.76
C13 FJ0 E . 16.09 -6.77 -20.32
C12 FJ0 E . 17.43 -7.50 -20.44
C11 FJ0 E . 18.46 -6.47 -20.93
N FJ0 E . 15.40 -4.17 -18.42
C FJ0 E . 13.92 -2.40 -19.01
O FJ0 E . 13.21 -1.59 -18.42
N1 FJ0 E . 14.15 -2.76 -16.90
N2 FJ0 E . 12.71 -1.04 -16.11
O1 FJ0 E . 10.73 -1.49 -14.02
C15 FJ0 F . 1.43 17.45 24.00
C17 FJ0 F . 1.45 17.09 25.32
C18 FJ0 F . -0.17 20.09 25.71
C19 FJ0 F . -0.36 20.21 27.08
C23 FJ0 F . -1.79 23.19 24.39
C22 FJ0 F . -0.62 21.04 24.81
C21 FJ0 F . -1.28 22.14 25.31
C20 FJ0 F . -1.03 21.32 27.56
C10 FJ0 F . 0.53 20.00 20.25
C9 FJ0 F . 2.49 13.77 14.38
O2 FJ0 F . -2.86 20.40 19.19
C8 FJ0 F . 1.97 12.54 13.62
C7 FJ0 F . 3.19 11.15 15.11
C1 FJ0 F . 1.52 16.05 17.69
C2 FJ0 F . 0.85 17.64 19.33
C3 FJ0 F . 1.36 16.77 20.33
O3 FJ0 F . 2.53 15.69 22.96
C4 FJ0 F . 1.96 15.58 19.95
O4 FJ0 F . 0.91 18.00 25.96
C5 FJ0 F . 2.32 14.37 16.80
C6 FJ0 F . 3.65 12.37 15.95
C14 FJ0 F . 1.87 16.69 22.84
C16 FJ0 F . 0.53 18.90 25.23
N6 FJ0 F . -1.48 22.28 26.67
N5 FJ0 F . 0.79 18.63 23.92
N4 FJ0 F . 1.32 17.18 21.67
N3 FJ0 F . 0.15 18.89 19.36
C13 FJ0 F . -1.28 18.61 19.58
C12 FJ0 F . -1.80 19.98 20.03
C11 FJ0 F . -0.63 20.96 19.98
N FJ0 F . 0.93 17.22 18.03
C FJ0 F . 2.02 15.22 18.61
O FJ0 F . 2.47 14.23 18.04
N1 FJ0 F . 1.68 15.49 16.49
N2 FJ0 F . 2.66 13.44 15.80
O1 FJ0 F . 2.94 11.52 13.75
C15 FJ0 G . -13.22 -1.98 -12.20
C17 FJ0 G . -12.55 -2.53 -13.27
C18 FJ0 G . -14.51 -0.28 -15.02
C19 FJ0 G . -14.30 -0.46 -16.38
C23 FJ0 G . -17.06 2.50 -15.11
C22 FJ0 G . -15.42 0.68 -14.62
C21 FJ0 G . -16.09 1.44 -15.57
C20 FJ0 G . -14.96 0.32 -17.33
C10 FJ0 G . -16.43 0.53 -9.40
C9 FJ0 G . -12.85 -0.68 -1.93
O2 FJ0 G . -15.63 3.88 -10.37
C8 FJ0 G . -11.77 -0.58 -0.82
C7 FJ0 G . -11.11 -2.85 -1.30
C1 FJ0 G . -13.68 -0.45 -5.96
C2 FJ0 G . -14.38 0.03 -8.17
C3 FJ0 G . -13.68 -1.12 -8.62
O3 FJ0 G . -12.37 -3.20 -10.36
C4 FJ0 G . -12.98 -1.91 -7.69
O4 FJ0 G . -12.98 -1.99 -14.28
C5 FJ0 G . -12.80 -1.36 -4.35
C6 FJ0 G . -12.12 -2.92 -2.48
C14 FJ0 G . -13.05 -2.29 -10.78
C16 FJ0 G . -13.81 -1.12 -14.01
N6 FJ0 G . -15.87 1.29 -16.93
N5 FJ0 G . -14.03 -1.04 -12.68
N4 FJ0 G . -13.72 -1.40 -10.01
N3 FJ0 G . -15.15 1.01 -8.88
C13 FJ0 G . -14.47 1.79 -9.93
C12 FJ0 G . -15.69 2.47 -10.58
C11 FJ0 G . -16.97 1.87 -9.97
N FJ0 G . -14.34 0.33 -6.83
C FJ0 G . -13.01 -1.56 -6.34
O FJ0 G . -12.51 -2.05 -5.34
N1 FJ0 G . -13.55 -0.30 -4.65
N2 FJ0 G . -12.39 -1.57 -3.01
O1 FJ0 G . -11.49 -1.88 -0.30
C15 FJ0 H . -5.84 -11.15 12.89
C17 FJ0 H . -6.20 -10.35 13.93
C18 FJ0 H . -4.72 -12.81 15.81
C19 FJ0 H . -4.82 -12.44 17.14
C23 FJ0 H . -2.83 -16.09 16.13
C22 FJ0 H . -4.05 -13.98 15.47
C21 FJ0 H . -3.53 -14.78 16.47
C20 FJ0 H . -4.29 -13.24 18.13
C10 FJ0 H . -3.95 -14.46 11.06
C9 FJ0 H . -4.64 -11.83 2.51
O2 FJ0 H . -1.46 -16.15 9.56
C8 FJ0 H . -3.65 -10.92 1.75
C7 FJ0 H . -4.90 -8.99 2.27
C1 FJ0 H . -4.55 -12.47 6.64
C2 FJ0 H . -4.20 -13.08 8.91
C3 FJ0 H . -5.03 -12.00 9.29
O3 FJ0 H . -6.63 -10.03 10.96
C4 FJ0 H . -5.61 -11.18 8.31
O4 FJ0 H . -5.83 -10.87 14.97
C5 FJ0 H . -5.20 -11.44 4.95
C6 FJ0 H . -5.92 -9.80 3.13
C14 FJ0 H . -5.99 -10.93 11.44
C16 FJ0 H . -5.27 -11.93 14.75
N6 FJ0 H . -3.67 -14.41 17.79
N5 FJ0 H . -5.22 -12.19 13.43
N4 FJ0 H . -5.25 -11.80 10.68
N3 FJ0 H . -3.53 -14.10 9.69
C13 FJ0 H . -2.08 -13.87 9.78
C12 FJ0 H . -1.73 -15.16 10.53
C11 FJ0 H . -2.94 -15.59 11.40
N FJ0 H . -3.96 -13.28 7.56
C FJ0 H . -5.35 -11.44 6.98
O FJ0 H . -5.70 -10.86 5.95
N1 FJ0 H . -4.44 -12.51 5.32
N2 FJ0 H . -5.40 -11.12 3.58
O1 FJ0 H . -4.34 -9.78 1.22
#